data_9FNK
#
_entry.id   9FNK
#
_cell.length_a   54.453
_cell.length_b   77.396
_cell.length_c   78.769
_cell.angle_alpha   92.639
_cell.angle_beta   110.062
_cell.angle_gamma   102.690
#
_symmetry.space_group_name_H-M   'P 1'
#
loop_
_entity.id
_entity.type
_entity.pdbx_description
1 polymer 'Anti-sigma-I factor RsgI5'
2 non-polymer 'SODIUM ION'
3 non-polymer 'SULFATE ION'
4 non-polymer GLYCEROL
5 water water
#
_entity_poly.entity_id   1
_entity_poly.type   'polypeptide(L)'
_entity_poly.pdbx_seq_one_letter_code
;MKFESSNYRGYYIRVKSFSGRIDPYVNPVEDSMFKIVPGLADPSCISFESKTYPGYYLKHENFRVILKKYEDTDLFREDA
TFRVVPGWADENMISFQSYNYPYRYIRHRDFELYIENIKTDLDRKDATFIGIKVD
;
_entity_poly.pdbx_strand_id   A,B,C,D,E,F
#
loop_
_chem_comp.id
_chem_comp.type
_chem_comp.name
_chem_comp.formula
GOL non-polymer GLYCEROL 'C3 H8 O3'
NA non-polymer 'SODIUM ION' 'Na 1'
SO4 non-polymer 'SULFATE ION' 'O4 S -2'
#
# COMPACT_ATOMS: atom_id res chain seq x y z
N MET A 1 -18.71 24.78 24.51
CA MET A 1 -19.45 24.66 23.26
C MET A 1 -19.58 23.20 22.80
N LYS A 2 -20.60 22.96 22.00
CA LYS A 2 -20.81 21.71 21.29
C LYS A 2 -20.75 21.98 19.80
N PHE A 3 -20.56 20.90 19.03
CA PHE A 3 -20.51 21.01 17.58
C PHE A 3 -21.30 19.87 16.97
N GLU A 4 -22.39 20.20 16.28
CA GLU A 4 -23.22 19.23 15.59
C GLU A 4 -22.78 19.09 14.12
N SER A 5 -22.76 17.87 13.62
CA SER A 5 -22.57 17.67 12.18
C SER A 5 -23.81 18.13 11.44
N SER A 6 -23.60 18.76 10.27
CA SER A 6 -24.73 19.31 9.53
C SER A 6 -25.34 18.30 8.58
N ASN A 7 -24.58 17.30 8.10
CA ASN A 7 -25.18 16.25 7.28
C ASN A 7 -25.57 15.02 8.08
N TYR A 8 -25.13 14.92 9.32
CA TYR A 8 -25.56 13.88 10.26
C TYR A 8 -26.11 14.59 11.50
N ARG A 9 -27.28 15.21 11.34
CA ARG A 9 -27.84 16.03 12.39
C ARG A 9 -28.20 15.16 13.59
N GLY A 10 -27.98 15.70 14.78
CA GLY A 10 -28.06 14.90 15.98
C GLY A 10 -26.79 14.15 16.30
N TYR A 11 -25.76 14.30 15.48
CA TYR A 11 -24.43 13.78 15.76
C TYR A 11 -23.53 14.93 16.17
N TYR A 12 -22.68 14.65 17.15
CA TYR A 12 -21.83 15.68 17.74
C TYR A 12 -20.39 15.22 17.75
N ILE A 13 -19.48 16.18 17.57
CA ILE A 13 -18.08 15.91 17.85
C ILE A 13 -17.95 15.44 19.29
N ARG A 14 -17.20 14.35 19.50
CA ARG A 14 -16.94 13.87 20.85
C ARG A 14 -15.58 13.19 20.88
N VAL A 15 -15.05 13.05 22.09
CA VAL A 15 -13.84 12.26 22.34
C VAL A 15 -14.26 10.90 22.90
N LYS A 16 -13.74 9.84 22.30
CA LYS A 16 -13.87 8.48 22.84
C LYS A 16 -12.48 7.86 22.89
N SER A 17 -12.04 7.42 24.07
CA SER A 17 -10.71 6.84 24.25
C SER A 17 -9.62 7.73 23.65
N PHE A 18 -9.74 9.04 23.90
CA PHE A 18 -8.77 10.06 23.51
C PHE A 18 -8.72 10.29 22.00
N SER A 19 -9.80 9.96 21.30
CA SER A 19 -9.88 10.04 19.84
C SER A 19 -11.19 10.72 19.44
N GLY A 20 -11.12 11.57 18.42
CA GLY A 20 -12.28 12.35 18.00
C GLY A 20 -13.15 11.59 17.02
N ARG A 21 -14.46 11.71 17.21
CA ARG A 21 -15.43 11.11 16.32
C ARG A 21 -16.72 11.92 16.40
N ILE A 22 -17.72 11.52 15.63
CA ILE A 22 -19.07 12.07 15.79
C ILE A 22 -19.99 10.93 16.19
N ASP A 23 -20.86 11.20 17.16
CA ASP A 23 -21.76 10.24 17.75
C ASP A 23 -23.09 10.89 18.03
N PRO A 24 -24.18 10.16 17.88
CA PRO A 24 -25.44 10.56 18.51
C PRO A 24 -25.46 10.16 19.99
N TYR A 25 -26.35 10.82 20.73
CA TYR A 25 -26.65 10.47 22.13
C TYR A 25 -25.38 10.25 22.96
N VAL A 26 -24.46 11.21 22.85
CA VAL A 26 -23.17 11.07 23.51
C VAL A 26 -23.36 10.83 24.99
N ASN A 27 -22.69 9.83 25.49
CA ASN A 27 -22.72 9.42 26.88
C ASN A 27 -21.29 9.10 27.31
N PRO A 28 -20.75 9.79 28.32
CA PRO A 28 -21.32 10.94 29.04
C PRO A 28 -21.31 12.18 28.15
N VAL A 29 -22.41 12.94 28.15
CA VAL A 29 -22.55 14.03 27.18
C VAL A 29 -21.42 15.05 27.32
N GLU A 30 -20.72 15.05 28.46
CA GLU A 30 -19.61 15.96 28.62
C GLU A 30 -18.46 15.67 27.67
N ASP A 31 -18.38 14.45 27.12
CA ASP A 31 -17.39 14.14 26.09
C ASP A 31 -17.59 14.96 24.83
N SER A 32 -18.78 15.52 24.63
CA SER A 32 -19.08 16.36 23.48
C SER A 32 -18.76 17.84 23.74
N MET A 33 -18.28 18.20 24.92
CA MET A 33 -18.20 19.60 25.35
C MET A 33 -16.77 20.10 25.42
N PHE A 34 -16.54 21.30 24.87
CA PHE A 34 -15.21 21.88 24.83
C PHE A 34 -15.25 23.34 25.26
N LYS A 35 -14.14 23.77 25.86
CA LYS A 35 -13.89 25.18 26.12
C LYS A 35 -13.09 25.72 24.94
N ILE A 36 -13.57 26.80 24.32
CA ILE A 36 -12.91 27.35 23.14
C ILE A 36 -11.98 28.47 23.61
N VAL A 37 -10.68 28.22 23.53
CA VAL A 37 -9.67 29.17 23.96
C VAL A 37 -8.99 29.76 22.74
N PRO A 38 -8.30 30.90 22.88
CA PRO A 38 -7.51 31.41 21.75
C PRO A 38 -6.52 30.37 21.26
N GLY A 39 -6.29 30.40 19.95
CA GLY A 39 -5.47 29.40 19.29
C GLY A 39 -4.09 29.37 19.90
N LEU A 40 -3.64 28.18 20.31
CA LEU A 40 -2.35 28.04 20.99
C LEU A 40 -1.20 28.53 20.13
N ALA A 41 -1.36 28.54 18.82
CA ALA A 41 -0.34 29.04 17.92
C ALA A 41 -0.72 30.39 17.33
N ASP A 42 -1.89 30.92 17.66
CA ASP A 42 -2.39 32.14 17.02
C ASP A 42 -3.73 32.54 17.62
N PRO A 43 -3.80 33.62 18.38
CA PRO A 43 -5.07 33.95 19.07
C PRO A 43 -6.18 34.42 18.14
N SER A 44 -5.90 34.78 16.89
CA SER A 44 -6.97 34.97 15.91
C SER A 44 -7.50 33.64 15.38
N CYS A 45 -6.96 32.56 15.89
CA CYS A 45 -7.45 31.22 15.65
C CYS A 45 -8.08 30.72 16.93
N ILE A 46 -8.57 29.48 16.91
CA ILE A 46 -9.15 28.87 18.09
C ILE A 46 -8.44 27.56 18.38
N SER A 47 -8.47 27.16 19.66
CA SER A 47 -8.12 25.83 20.11
C SER A 47 -9.27 25.24 20.92
N PHE A 48 -9.37 23.90 20.95
CA PHE A 48 -10.45 23.18 21.63
C PHE A 48 -9.88 22.53 22.88
N GLU A 49 -10.20 23.05 24.05
CA GLU A 49 -9.79 22.40 25.29
C GLU A 49 -10.88 21.45 25.77
N SER A 50 -10.46 20.28 26.24
CA SER A 50 -11.41 19.35 26.83
C SER A 50 -12.00 19.92 28.11
N LYS A 51 -13.32 19.76 28.26
CA LYS A 51 -13.96 20.16 29.51
C LYS A 51 -13.74 19.11 30.60
N THR A 52 -13.81 17.82 30.25
CA THR A 52 -13.58 16.77 31.24
C THR A 52 -12.10 16.54 31.53
N TYR A 53 -11.19 16.91 30.62
CA TYR A 53 -9.75 16.73 30.81
C TYR A 53 -9.06 18.06 30.61
N PRO A 54 -9.08 18.93 31.62
CA PRO A 54 -8.46 20.25 31.47
C PRO A 54 -6.98 20.10 31.14
N GLY A 55 -6.49 21.01 30.32
CA GLY A 55 -5.14 20.91 29.80
C GLY A 55 -4.96 19.92 28.67
N TYR A 56 -6.03 19.29 28.18
CA TYR A 56 -5.95 18.45 26.99
C TYR A 56 -6.69 19.14 25.85
N TYR A 57 -6.12 19.07 24.65
CA TYR A 57 -6.62 19.78 23.48
C TYR A 57 -6.88 18.79 22.35
N LEU A 58 -7.92 19.05 21.56
CA LEU A 58 -8.02 18.37 20.27
C LEU A 58 -6.85 18.81 19.39
N LYS A 59 -6.30 17.87 18.64
CA LYS A 59 -5.10 18.14 17.86
C LYS A 59 -4.98 17.07 16.81
N HIS A 60 -4.39 17.42 15.69
CA HIS A 60 -4.19 16.40 14.68
C HIS A 60 -2.80 15.80 14.82
N GLU A 61 -2.73 14.49 14.59
CA GLU A 61 -1.49 13.71 14.60
C GLU A 61 -1.70 12.59 13.60
N ASN A 62 -0.76 12.44 12.66
CA ASN A 62 -0.96 11.57 11.49
C ASN A 62 -2.30 11.86 10.80
N PHE A 63 -2.69 13.14 10.75
CA PHE A 63 -3.91 13.65 10.14
C PHE A 63 -5.19 13.12 10.78
N ARG A 64 -5.10 12.53 11.96
CA ARG A 64 -6.25 12.10 12.75
C ARG A 64 -6.45 13.10 13.88
N VAL A 65 -7.70 13.50 14.12
CA VAL A 65 -7.99 14.42 15.22
C VAL A 65 -8.09 13.62 16.52
N ILE A 66 -7.19 13.90 17.46
CA ILE A 66 -7.13 13.19 18.73
C ILE A 66 -7.17 14.19 19.88
N LEU A 67 -7.28 13.68 21.11
CA LEU A 67 -7.13 14.45 22.32
C LEU A 67 -5.80 14.08 22.98
N LYS A 68 -5.03 15.10 23.36
CA LYS A 68 -3.67 14.89 23.84
C LYS A 68 -3.31 15.99 24.83
N LYS A 69 -2.57 15.63 25.88
CA LYS A 69 -2.16 16.59 26.90
C LYS A 69 -1.27 17.66 26.30
N TYR A 70 -1.42 18.89 26.78
CA TYR A 70 -0.63 20.00 26.23
C TYR A 70 0.86 19.67 26.33
N GLU A 71 1.59 20.00 25.28
CA GLU A 71 3.04 19.87 25.26
C GLU A 71 3.64 21.22 24.85
N ASP A 72 4.73 21.61 25.53
CA ASP A 72 5.37 22.91 25.30
C ASP A 72 6.26 22.87 24.05
N THR A 73 5.62 22.66 22.90
CA THR A 73 6.34 22.64 21.63
C THR A 73 5.54 23.42 20.60
N ASP A 74 6.26 24.01 19.64
CA ASP A 74 5.55 24.70 18.56
C ASP A 74 4.71 23.72 17.74
N LEU A 75 5.22 22.49 17.53
CA LEU A 75 4.46 21.51 16.76
C LEU A 75 3.12 21.19 17.42
N PHE A 76 3.14 20.94 18.73
CA PHE A 76 1.88 20.71 19.42
C PHE A 76 0.93 21.90 19.26
N ARG A 77 1.41 23.10 19.53
CA ARG A 77 0.54 24.27 19.47
C ARG A 77 -0.02 24.47 18.06
N GLU A 78 0.81 24.23 17.04
CA GLU A 78 0.34 24.32 15.67
C GLU A 78 -0.66 23.22 15.35
N ASP A 79 -0.36 21.99 15.75
CA ASP A 79 -1.29 20.87 15.55
C ASP A 79 -2.63 21.08 16.23
N ALA A 80 -2.70 21.97 17.23
CA ALA A 80 -3.88 22.15 18.05
C ALA A 80 -4.62 23.43 17.73
N THR A 81 -4.31 24.08 16.61
CA THR A 81 -4.80 25.41 16.29
C THR A 81 -5.57 25.33 14.98
N PHE A 82 -6.77 25.90 14.97
CA PHE A 82 -7.66 25.83 13.82
C PHE A 82 -8.33 27.19 13.59
N ARG A 83 -8.45 27.58 12.34
CA ARG A 83 -9.12 28.82 11.99
C ARG A 83 -10.56 28.52 11.66
N VAL A 84 -11.48 29.23 12.31
CA VAL A 84 -12.91 29.09 12.01
C VAL A 84 -13.19 29.86 10.74
N VAL A 85 -13.78 29.20 9.75
CA VAL A 85 -14.07 29.84 8.47
C VAL A 85 -15.55 29.63 8.18
N PRO A 86 -16.15 30.35 7.21
CA PRO A 86 -17.53 30.00 6.80
C PRO A 86 -17.61 28.55 6.33
N GLY A 87 -18.72 27.89 6.72
CA GLY A 87 -18.94 26.49 6.42
C GLY A 87 -18.72 26.12 4.97
N TRP A 88 -18.09 24.96 4.72
CA TRP A 88 -17.87 24.53 3.34
C TRP A 88 -19.19 24.32 2.62
N ALA A 89 -20.16 23.72 3.32
CA ALA A 89 -21.44 23.36 2.74
C ALA A 89 -22.51 24.43 2.96
N ASP A 90 -22.23 25.43 3.78
CA ASP A 90 -23.23 26.40 4.20
C ASP A 90 -22.52 27.54 4.89
N GLU A 91 -22.46 28.70 4.25
CA GLU A 91 -21.79 29.85 4.88
C GLU A 91 -22.45 30.26 6.19
N ASN A 92 -23.70 29.88 6.46
CA ASN A 92 -24.29 30.15 7.77
C ASN A 92 -23.81 29.18 8.84
N MET A 93 -22.92 28.26 8.51
CA MET A 93 -22.37 27.27 9.42
C MET A 93 -20.86 27.45 9.43
N ILE A 94 -20.14 26.52 10.05
CA ILE A 94 -18.70 26.75 10.22
C ILE A 94 -17.87 25.55 9.81
N SER A 95 -16.63 25.84 9.43
CA SER A 95 -15.61 24.84 9.15
C SER A 95 -14.33 25.23 9.87
N PHE A 96 -13.44 24.26 9.98
CA PHE A 96 -12.25 24.40 10.81
C PHE A 96 -11.04 24.08 9.97
N GLN A 97 -10.24 25.11 9.70
CA GLN A 97 -9.04 25.03 8.89
C GLN A 97 -7.83 24.81 9.76
N SER A 98 -6.95 23.90 9.34
CA SER A 98 -5.78 23.59 10.15
C SER A 98 -4.75 24.71 9.97
N TYR A 99 -4.16 25.15 11.09
CA TYR A 99 -3.21 26.24 11.06
C TYR A 99 -1.96 25.88 10.27
N ASN A 100 -1.35 24.73 10.60
CA ASN A 100 -0.12 24.35 9.90
C ASN A 100 -0.37 23.56 8.61
N TYR A 101 -1.60 23.14 8.32
CA TYR A 101 -1.95 22.51 7.04
C TYR A 101 -3.14 23.25 6.42
N PRO A 102 -2.89 24.38 5.76
CA PRO A 102 -4.00 25.25 5.34
C PRO A 102 -4.98 24.63 4.36
N TYR A 103 -4.65 23.55 3.65
CA TYR A 103 -5.60 22.98 2.72
C TYR A 103 -6.33 21.78 3.29
N ARG A 104 -6.23 21.56 4.61
CA ARG A 104 -6.87 20.46 5.29
C ARG A 104 -7.86 21.00 6.32
N TYR A 105 -9.00 20.35 6.42
CA TYR A 105 -10.07 20.80 7.30
C TYR A 105 -10.56 19.63 8.16
N ILE A 106 -11.07 19.93 9.36
CA ILE A 106 -11.70 18.91 10.17
C ILE A 106 -12.92 18.37 9.43
N ARG A 107 -12.98 17.04 9.29
CA ARG A 107 -14.12 16.37 8.67
C ARG A 107 -14.29 15.01 9.31
N HIS A 108 -15.45 14.42 9.12
CA HIS A 108 -15.67 13.05 9.56
C HIS A 108 -15.71 12.11 8.36
N ARG A 109 -15.44 10.83 8.63
CA ARG A 109 -15.31 9.82 7.58
C ARG A 109 -15.40 8.47 8.28
N ASP A 110 -16.48 7.74 8.03
CA ASP A 110 -16.92 6.63 8.88
C ASP A 110 -16.93 7.05 10.36
N PHE A 111 -17.46 8.24 10.60
CA PHE A 111 -17.71 8.81 11.92
C PHE A 111 -16.45 9.04 12.76
N GLU A 112 -15.26 8.86 12.20
CA GLU A 112 -14.02 9.32 12.84
C GLU A 112 -13.65 10.71 12.29
N LEU A 113 -12.88 11.46 13.07
CA LEU A 113 -12.43 12.79 12.69
C LEU A 113 -11.00 12.81 12.18
N TYR A 114 -10.78 13.50 11.06
CA TYR A 114 -9.46 13.71 10.50
C TYR A 114 -9.35 15.16 10.07
N ILE A 115 -8.15 15.59 9.68
CA ILE A 115 -8.00 16.77 8.83
C ILE A 115 -7.64 16.27 7.43
N GLU A 116 -8.47 16.62 6.45
CA GLU A 116 -8.27 16.12 5.09
C GLU A 116 -8.59 17.23 4.09
N ASN A 117 -8.10 17.02 2.86
CA ASN A 117 -8.38 17.95 1.78
C ASN A 117 -9.87 17.89 1.43
N ILE A 118 -10.45 19.04 1.13
CA ILE A 118 -11.89 19.15 0.88
C ILE A 118 -12.04 19.40 -0.61
N LYS A 119 -12.35 18.33 -1.36
CA LYS A 119 -12.39 18.38 -2.82
C LYS A 119 -13.77 18.26 -3.42
N THR A 120 -14.66 17.47 -2.83
CA THR A 120 -15.95 17.12 -3.41
C THR A 120 -17.09 17.65 -2.54
N ASP A 121 -18.31 17.52 -3.05
CA ASP A 121 -19.49 17.97 -2.31
C ASP A 121 -19.66 17.21 -1.00
N LEU A 122 -19.47 15.90 -1.01
CA LEU A 122 -19.55 15.13 0.23
C LEU A 122 -18.45 15.54 1.19
N ASP A 123 -17.24 15.81 0.68
CA ASP A 123 -16.16 16.35 1.52
C ASP A 123 -16.63 17.61 2.24
N ARG A 124 -17.25 18.55 1.50
CA ARG A 124 -17.69 19.81 2.09
C ARG A 124 -18.70 19.56 3.20
N LYS A 125 -19.63 18.63 2.99
CA LYS A 125 -20.67 18.34 3.99
C LYS A 125 -20.08 17.67 5.23
N ASP A 126 -19.15 16.74 5.04
CA ASP A 126 -18.47 16.10 6.15
C ASP A 126 -17.64 17.09 6.97
N ALA A 127 -17.32 18.25 6.42
CA ALA A 127 -16.46 19.23 7.06
C ALA A 127 -17.23 20.44 7.58
N THR A 128 -18.56 20.37 7.65
CA THR A 128 -19.40 21.50 8.04
C THR A 128 -20.09 21.20 9.35
N PHE A 129 -20.03 22.15 10.29
CA PHE A 129 -20.52 21.98 11.65
C PHE A 129 -21.34 23.18 12.11
N ILE A 130 -22.15 22.95 13.13
CA ILE A 130 -22.93 23.99 13.80
C ILE A 130 -22.40 24.11 15.23
N GLY A 131 -21.86 25.28 15.56
CA GLY A 131 -21.45 25.54 16.94
C GLY A 131 -22.68 25.84 17.79
N ILE A 132 -22.77 25.17 18.93
CA ILE A 132 -23.86 25.33 19.88
C ILE A 132 -23.29 25.76 21.23
N LYS A 133 -23.66 26.96 21.66
CA LYS A 133 -23.26 27.44 22.98
C LYS A 133 -24.05 26.71 24.06
N VAL A 134 -23.35 26.17 25.05
CA VAL A 134 -23.98 25.44 26.15
C VAL A 134 -23.76 26.13 27.48
N MET B 1 10.03 -2.30 -18.52
CA MET B 1 9.05 -2.96 -17.65
C MET B 1 7.65 -2.36 -17.79
N LYS B 2 6.66 -3.18 -17.50
CA LYS B 2 5.25 -2.77 -17.46
C LYS B 2 4.64 -3.30 -16.18
N PHE B 3 3.60 -2.63 -15.69
CA PHE B 3 3.01 -2.99 -14.41
C PHE B 3 1.50 -3.07 -14.52
N GLU B 4 0.98 -4.26 -14.29
CA GLU B 4 -0.44 -4.53 -14.41
C GLU B 4 -1.05 -4.63 -13.02
N SER B 5 -2.27 -4.08 -12.86
CA SER B 5 -2.99 -4.15 -11.61
C SER B 5 -3.41 -5.59 -11.30
N SER B 6 -3.19 -6.02 -10.06
CA SER B 6 -3.60 -7.37 -9.71
C SER B 6 -5.12 -7.47 -9.62
N ASN B 7 -5.80 -6.43 -9.14
CA ASN B 7 -7.24 -6.53 -8.98
C ASN B 7 -8.03 -5.97 -10.15
N TYR B 8 -7.40 -5.23 -11.06
CA TYR B 8 -8.03 -4.78 -12.31
C TYR B 8 -7.12 -5.31 -13.42
N ARG B 9 -7.26 -6.59 -13.73
CA ARG B 9 -6.20 -7.32 -14.45
C ARG B 9 -5.89 -6.76 -15.84
N GLY B 10 -6.85 -6.24 -16.57
CA GLY B 10 -6.33 -5.78 -17.86
C GLY B 10 -5.74 -4.38 -17.86
N TYR B 11 -5.50 -3.81 -16.67
CA TYR B 11 -5.17 -2.41 -16.52
C TYR B 11 -3.69 -2.27 -16.14
N TYR B 12 -3.03 -1.29 -16.78
CA TYR B 12 -1.60 -1.07 -16.58
C TYR B 12 -1.36 0.35 -16.07
N ILE B 13 -0.35 0.49 -15.21
CA ILE B 13 0.17 1.80 -14.85
C ILE B 13 0.56 2.54 -16.12
N ARG B 14 0.15 3.80 -16.22
CA ARG B 14 0.51 4.64 -17.37
C ARG B 14 0.53 6.10 -16.96
N VAL B 15 1.19 6.90 -17.79
CA VAL B 15 1.22 8.36 -17.66
C VAL B 15 0.25 8.97 -18.66
N LYS B 16 -0.50 9.98 -18.23
CA LYS B 16 -1.40 10.73 -19.11
C LYS B 16 -1.43 12.18 -18.66
N SER B 17 -1.07 13.08 -19.58
CA SER B 17 -0.86 14.50 -19.26
C SER B 17 -0.02 14.68 -17.99
N PHE B 18 1.06 13.90 -17.92
CA PHE B 18 2.06 13.93 -16.85
C PHE B 18 1.51 13.48 -15.50
N SER B 19 0.44 12.70 -15.49
CA SER B 19 -0.11 12.16 -14.24
C SER B 19 -0.23 10.65 -14.35
N GLY B 20 -0.14 9.98 -13.20
CA GLY B 20 -0.14 8.54 -13.16
C GLY B 20 -1.51 7.96 -12.91
N ARG B 21 -1.87 6.92 -13.68
CA ARG B 21 -3.14 6.23 -13.51
C ARG B 21 -3.00 4.79 -13.99
N ILE B 22 -4.10 4.03 -13.89
CA ILE B 22 -4.20 2.72 -14.53
C ILE B 22 -5.32 2.77 -15.57
N ASP B 23 -5.02 2.21 -16.75
CA ASP B 23 -5.95 2.18 -17.87
C ASP B 23 -5.85 0.83 -18.57
N PRO B 24 -6.96 0.35 -19.12
CA PRO B 24 -6.89 -0.73 -20.10
C PRO B 24 -6.54 -0.16 -21.47
N TYR B 25 -6.08 -1.06 -22.36
CA TYR B 25 -5.79 -0.73 -23.76
C TYR B 25 -5.08 0.62 -23.90
N VAL B 26 -3.97 0.74 -23.17
CA VAL B 26 -3.20 1.98 -23.16
C VAL B 26 -2.80 2.33 -24.59
N ASN B 27 -3.21 3.51 -25.03
CA ASN B 27 -2.89 4.05 -26.34
C ASN B 27 -2.36 5.48 -26.12
N PRO B 28 -1.13 5.79 -26.51
CA PRO B 28 -0.16 4.84 -27.08
C PRO B 28 0.38 3.91 -26.00
N VAL B 29 0.66 2.67 -26.37
CA VAL B 29 1.06 1.67 -25.39
C VAL B 29 2.35 2.06 -24.69
N GLU B 30 3.18 2.89 -25.33
CA GLU B 30 4.44 3.26 -24.69
C GLU B 30 4.23 4.10 -23.43
N ASP B 31 3.03 4.68 -23.21
CA ASP B 31 2.76 5.38 -21.96
C ASP B 31 2.80 4.44 -20.76
N SER B 32 2.68 3.14 -21.01
CA SER B 32 2.70 2.13 -19.96
C SER B 32 4.10 1.55 -19.73
N MET B 33 5.10 2.00 -20.44
CA MET B 33 6.44 1.42 -20.39
C MET B 33 7.39 2.31 -19.60
N PHE B 34 8.20 1.69 -18.74
CA PHE B 34 9.19 2.40 -17.96
C PHE B 34 10.52 1.67 -17.98
N LYS B 35 11.58 2.43 -17.81
CA LYS B 35 12.93 1.91 -17.64
C LYS B 35 13.23 1.92 -16.14
N ILE B 36 13.57 0.74 -15.60
CA ILE B 36 13.73 0.59 -14.16
C ILE B 36 15.20 0.81 -13.80
N VAL B 37 15.47 1.88 -13.08
CA VAL B 37 16.84 2.28 -12.78
C VAL B 37 17.01 2.23 -11.28
N PRO B 38 18.26 2.18 -10.79
CA PRO B 38 18.51 2.30 -9.36
C PRO B 38 17.86 3.56 -8.79
N GLY B 39 17.25 3.41 -7.61
CA GLY B 39 16.61 4.52 -6.92
C GLY B 39 17.48 5.75 -6.85
N LEU B 40 16.90 6.89 -7.23
CA LEU B 40 17.68 8.13 -7.26
C LEU B 40 18.19 8.52 -5.87
N ALA B 41 17.53 8.07 -4.80
CA ALA B 41 18.02 8.32 -3.46
C ALA B 41 18.65 7.09 -2.83
N ASP B 42 18.57 5.92 -3.46
CA ASP B 42 19.05 4.70 -2.83
C ASP B 42 19.04 3.58 -3.86
N PRO B 43 20.20 3.07 -4.26
CA PRO B 43 20.21 2.06 -5.33
C PRO B 43 19.72 0.70 -4.88
N SER B 44 19.51 0.50 -3.57
CA SER B 44 18.82 -0.70 -3.12
C SER B 44 17.32 -0.60 -3.34
N CYS B 45 16.85 0.55 -3.80
CA CYS B 45 15.48 0.79 -4.24
C CYS B 45 15.48 0.95 -5.73
N ILE B 46 14.32 1.29 -6.29
CA ILE B 46 14.16 1.55 -7.71
C ILE B 46 13.56 2.94 -7.94
N SER B 47 13.82 3.49 -9.13
CA SER B 47 13.06 4.62 -9.67
C SER B 47 12.55 4.23 -11.05
N PHE B 48 11.47 4.89 -11.48
CA PHE B 48 10.77 4.53 -12.71
C PHE B 48 11.05 5.64 -13.71
N GLU B 49 11.92 5.40 -14.69
CA GLU B 49 12.16 6.42 -15.72
C GLU B 49 11.22 6.23 -16.90
N SER B 50 10.63 7.33 -17.36
CA SER B 50 9.76 7.29 -18.54
C SER B 50 10.53 6.87 -19.78
N LYS B 51 9.93 6.00 -20.58
CA LYS B 51 10.57 5.67 -21.84
C LYS B 51 10.30 6.74 -22.89
N THR B 52 9.07 7.26 -22.97
CA THR B 52 8.80 8.28 -23.99
C THR B 52 9.39 9.64 -23.63
N TYR B 53 9.61 9.92 -22.33
CA TYR B 53 10.22 11.17 -21.89
C TYR B 53 11.46 10.87 -21.05
N PRO B 54 12.60 10.65 -21.71
CA PRO B 54 13.83 10.30 -20.97
C PRO B 54 14.21 11.43 -20.04
N GLY B 55 14.72 11.06 -18.88
CA GLY B 55 14.97 12.02 -17.83
C GLY B 55 13.74 12.50 -17.08
N TYR B 56 12.56 11.96 -17.36
CA TYR B 56 11.40 12.16 -16.49
C TYR B 56 11.10 10.89 -15.71
N TYR B 57 10.75 11.06 -14.44
CA TYR B 57 10.56 9.94 -13.53
C TYR B 57 9.18 10.04 -12.87
N LEU B 58 8.61 8.89 -12.54
CA LEU B 58 7.47 8.86 -11.62
C LEU B 58 7.91 9.35 -10.25
N LYS B 59 7.09 10.20 -9.63
CA LYS B 59 7.39 10.71 -8.30
C LYS B 59 6.09 11.15 -7.65
N HIS B 60 6.06 11.07 -6.33
CA HIS B 60 4.90 11.60 -5.63
C HIS B 60 5.11 13.08 -5.30
N GLU B 61 3.99 13.81 -5.30
CA GLU B 61 3.96 15.21 -4.90
C GLU B 61 2.51 15.49 -4.53
N ASN B 62 2.30 16.06 -3.35
CA ASN B 62 0.97 16.11 -2.75
C ASN B 62 0.34 14.71 -2.71
N PHE B 63 1.18 13.68 -2.52
CA PHE B 63 0.82 12.27 -2.45
C PHE B 63 0.19 11.72 -3.73
N ARG B 64 0.23 12.47 -4.84
CA ARG B 64 -0.17 11.96 -6.15
C ARG B 64 1.07 11.49 -6.89
N VAL B 65 0.95 10.37 -7.60
CA VAL B 65 2.05 9.86 -8.41
C VAL B 65 1.96 10.55 -9.77
N ILE B 66 2.97 11.36 -10.08
CA ILE B 66 3.02 12.13 -11.32
C ILE B 66 4.33 11.85 -12.05
N LEU B 67 4.41 12.30 -13.30
CA LEU B 67 5.66 12.29 -14.05
C LEU B 67 6.24 13.71 -14.06
N LYS B 68 7.52 13.82 -13.74
CA LYS B 68 8.18 15.11 -13.58
C LYS B 68 9.65 15.02 -13.97
N LYS B 69 10.11 16.04 -14.69
CA LYS B 69 11.51 16.13 -15.10
C LYS B 69 12.43 16.18 -13.88
N TYR B 70 13.57 15.51 -14.00
CA TYR B 70 14.56 15.45 -12.93
C TYR B 70 14.97 16.85 -12.47
N GLU B 71 15.23 17.02 -11.16
CA GLU B 71 15.44 18.37 -10.61
C GLU B 71 16.66 18.57 -9.72
N ASP B 72 17.55 17.58 -9.58
CA ASP B 72 18.78 17.64 -8.76
C ASP B 72 18.58 18.30 -7.39
N THR B 73 17.65 17.73 -6.63
CA THR B 73 17.55 18.05 -5.22
C THR B 73 17.26 16.76 -4.48
N ASP B 74 17.54 16.78 -3.18
CA ASP B 74 17.24 15.59 -2.39
C ASP B 74 15.74 15.31 -2.34
N LEU B 75 14.91 16.36 -2.31
CA LEU B 75 13.48 16.12 -2.22
C LEU B 75 12.95 15.44 -3.50
N PHE B 76 13.42 15.86 -4.68
CA PHE B 76 13.03 15.12 -5.90
C PHE B 76 13.46 13.67 -5.83
N ARG B 77 14.73 13.40 -5.50
CA ARG B 77 15.22 12.02 -5.60
C ARG B 77 14.48 11.11 -4.62
N GLU B 78 14.10 11.65 -3.46
CA GLU B 78 13.38 10.86 -2.46
C GLU B 78 11.93 10.65 -2.84
N ASP B 79 11.29 11.67 -3.43
CA ASP B 79 9.95 11.55 -3.97
C ASP B 79 9.88 10.57 -5.12
N ALA B 80 11.01 10.26 -5.75
CA ALA B 80 11.06 9.39 -6.93
C ALA B 80 11.62 8.01 -6.63
N THR B 81 11.75 7.62 -5.36
CA THR B 81 12.40 6.39 -4.97
C THR B 81 11.41 5.49 -4.23
N PHE B 82 11.37 4.20 -4.62
CA PHE B 82 10.42 3.26 -4.07
C PHE B 82 11.12 1.93 -3.87
N ARG B 83 10.80 1.27 -2.76
CA ARG B 83 11.35 -0.05 -2.50
C ARG B 83 10.36 -1.09 -3.00
N VAL B 84 10.84 -2.03 -3.80
CA VAL B 84 10.00 -3.14 -4.21
C VAL B 84 9.91 -4.13 -3.06
N VAL B 85 8.69 -4.46 -2.64
CA VAL B 85 8.41 -5.36 -1.52
C VAL B 85 7.41 -6.43 -1.98
N PRO B 86 7.30 -7.55 -1.26
CA PRO B 86 6.24 -8.52 -1.57
C PRO B 86 4.87 -7.86 -1.59
N GLY B 87 4.08 -8.22 -2.60
CA GLY B 87 2.75 -7.67 -2.83
C GLY B 87 1.89 -7.69 -1.59
N TRP B 88 1.24 -6.58 -1.29
CA TRP B 88 0.38 -6.52 -0.11
C TRP B 88 -0.67 -7.61 -0.15
N ALA B 89 -1.22 -7.88 -1.33
CA ALA B 89 -2.35 -8.79 -1.48
C ALA B 89 -1.94 -10.21 -1.86
N ASP B 90 -0.66 -10.44 -2.15
CA ASP B 90 -0.20 -11.66 -2.79
C ASP B 90 1.33 -11.63 -2.83
N GLU B 91 1.98 -12.36 -1.94
CA GLU B 91 3.44 -12.28 -1.87
C GLU B 91 4.13 -12.76 -3.15
N ASN B 92 3.41 -13.38 -4.09
CA ASN B 92 3.97 -13.67 -5.40
C ASN B 92 3.97 -12.47 -6.34
N MET B 93 3.37 -11.36 -5.93
CA MET B 93 3.32 -10.13 -6.71
C MET B 93 4.13 -9.06 -5.97
N ILE B 94 3.97 -7.80 -6.38
CA ILE B 94 4.83 -6.75 -5.85
C ILE B 94 4.02 -5.53 -5.42
N SER B 95 4.60 -4.80 -4.47
CA SER B 95 4.15 -3.50 -4.02
C SER B 95 5.32 -2.54 -3.92
N PHE B 96 5.00 -1.24 -3.94
CA PHE B 96 5.99 -0.18 -4.02
C PHE B 96 5.89 0.74 -2.80
N GLN B 97 6.86 0.63 -1.91
CA GLN B 97 6.94 1.42 -0.70
C GLN B 97 7.68 2.72 -0.96
N SER B 98 7.10 3.83 -0.53
CA SER B 98 7.76 5.12 -0.71
C SER B 98 9.02 5.17 0.16
N TYR B 99 10.10 5.69 -0.40
CA TYR B 99 11.34 5.81 0.36
C TYR B 99 11.20 6.82 1.49
N ASN B 100 10.76 8.04 1.19
CA ASN B 100 10.69 9.02 2.26
C ASN B 100 9.40 8.98 3.08
N TYR B 101 8.36 8.25 2.64
CA TYR B 101 7.14 8.03 3.43
C TYR B 101 6.92 6.54 3.64
N PRO B 102 7.68 5.91 4.54
CA PRO B 102 7.73 4.44 4.58
C PRO B 102 6.40 3.75 4.86
N TYR B 103 5.36 4.47 5.26
CA TYR B 103 4.07 3.86 5.54
C TYR B 103 3.08 4.06 4.41
N ARG B 104 3.53 4.57 3.28
CA ARG B 104 2.70 4.84 2.13
C ARG B 104 3.21 4.04 0.94
N TYR B 105 2.27 3.58 0.13
CA TYR B 105 2.56 2.68 -0.97
C TYR B 105 1.83 3.17 -2.22
N ILE B 106 2.40 2.85 -3.38
CA ILE B 106 1.73 3.18 -4.63
C ILE B 106 0.43 2.41 -4.70
N ARG B 107 -0.67 3.13 -4.94
CA ARG B 107 -1.96 2.46 -5.08
C ARG B 107 -2.84 3.27 -6.01
N HIS B 108 -3.88 2.62 -6.53
CA HIS B 108 -4.86 3.30 -7.37
C HIS B 108 -6.17 3.50 -6.62
N ARG B 109 -6.91 4.51 -7.05
CA ARG B 109 -8.16 4.91 -6.42
C ARG B 109 -8.88 5.77 -7.45
N ASP B 110 -10.10 5.38 -7.80
CA ASP B 110 -10.74 5.81 -9.02
C ASP B 110 -9.75 5.86 -10.19
N PHE B 111 -8.90 4.84 -10.27
CA PHE B 111 -7.93 4.61 -11.35
C PHE B 111 -6.82 5.64 -11.42
N GLU B 112 -6.71 6.56 -10.47
CA GLU B 112 -5.58 7.48 -10.36
C GLU B 112 -4.59 6.92 -9.33
N LEU B 113 -3.30 7.23 -9.51
CA LEU B 113 -2.24 6.69 -8.67
C LEU B 113 -1.84 7.66 -7.56
N TYR B 114 -1.77 7.15 -6.33
CA TYR B 114 -1.30 7.91 -5.17
C TYR B 114 -0.29 7.05 -4.40
N ILE B 115 0.37 7.68 -3.42
CA ILE B 115 0.98 6.93 -2.32
C ILE B 115 0.12 7.17 -1.09
N GLU B 116 -0.39 6.07 -0.51
CA GLU B 116 -1.32 6.16 0.60
C GLU B 116 -1.07 5.03 1.59
N ASN B 117 -1.51 5.25 2.82
CA ASN B 117 -1.48 4.20 3.84
C ASN B 117 -2.33 3.03 3.43
N ILE B 118 -1.84 1.82 3.72
CA ILE B 118 -2.49 0.59 3.28
C ILE B 118 -3.06 -0.09 4.52
N LYS B 119 -4.37 0.09 4.73
CA LYS B 119 -5.03 -0.35 5.96
C LYS B 119 -5.94 -1.55 5.78
N THR B 120 -6.70 -1.63 4.67
CA THR B 120 -7.79 -2.58 4.49
C THR B 120 -7.47 -3.59 3.39
N ASP B 121 -8.34 -4.60 3.26
CA ASP B 121 -8.18 -5.58 2.19
C ASP B 121 -8.18 -4.91 0.82
N LEU B 122 -9.07 -3.95 0.61
CA LEU B 122 -9.15 -3.26 -0.68
C LEU B 122 -7.91 -2.41 -0.93
N ASP B 123 -7.38 -1.77 0.12
CA ASP B 123 -6.12 -1.04 -0.02
C ASP B 123 -5.00 -1.98 -0.49
N ARG B 124 -4.92 -3.17 0.10
CA ARG B 124 -3.87 -4.12 -0.24
C ARG B 124 -3.95 -4.52 -1.72
N LYS B 125 -5.17 -4.73 -2.23
CA LYS B 125 -5.36 -5.06 -3.64
C LYS B 125 -5.13 -3.85 -4.54
N ASP B 126 -5.52 -2.66 -4.08
CA ASP B 126 -5.18 -1.45 -4.83
C ASP B 126 -3.68 -1.24 -4.94
N ALA B 127 -2.90 -1.84 -4.04
CA ALA B 127 -1.45 -1.62 -3.97
C ALA B 127 -0.63 -2.76 -4.52
N THR B 128 -1.23 -3.71 -5.23
CA THR B 128 -0.54 -4.92 -5.65
C THR B 128 -0.49 -4.98 -7.18
N PHE B 129 0.71 -5.11 -7.73
CA PHE B 129 0.96 -5.01 -9.16
C PHE B 129 1.79 -6.20 -9.66
N ILE B 130 1.74 -6.42 -10.96
CA ILE B 130 2.49 -7.49 -11.61
C ILE B 130 3.51 -6.85 -12.53
N GLY B 131 4.79 -7.11 -12.29
CA GLY B 131 5.82 -6.66 -13.21
C GLY B 131 5.83 -7.52 -14.47
N ILE B 132 5.92 -6.86 -15.62
CA ILE B 132 6.06 -7.54 -16.91
C ILE B 132 7.25 -6.92 -17.67
N LYS B 133 8.26 -7.74 -17.93
CA LYS B 133 9.37 -7.38 -18.81
C LYS B 133 8.89 -7.12 -20.23
N MET C 1 -0.09 -32.57 -16.48
CA MET C 1 -0.29 -32.48 -17.92
C MET C 1 0.25 -31.18 -18.51
N LYS C 2 0.75 -31.27 -19.74
CA LYS C 2 1.04 -30.11 -20.55
C LYS C 2 0.35 -30.26 -21.89
N PHE C 3 0.31 -29.16 -22.64
CA PHE C 3 -0.53 -29.06 -23.83
C PHE C 3 0.26 -28.37 -24.93
N GLU C 4 0.50 -29.09 -26.02
CA GLU C 4 1.35 -28.65 -27.10
C GLU C 4 0.52 -28.09 -28.25
N SER C 5 0.98 -26.99 -28.85
CA SER C 5 0.27 -26.42 -29.98
C SER C 5 0.29 -27.37 -31.17
N SER C 6 -0.87 -27.53 -31.81
CA SER C 6 -0.95 -28.38 -33.00
C SER C 6 -0.17 -27.79 -34.16
N ASN C 7 -0.36 -26.50 -34.43
CA ASN C 7 0.32 -25.88 -35.57
C ASN C 7 1.68 -25.28 -35.21
N TYR C 8 2.07 -25.27 -33.93
CA TYR C 8 3.40 -24.83 -33.50
C TYR C 8 3.94 -25.96 -32.63
N ARG C 9 4.43 -27.01 -33.28
CA ARG C 9 4.80 -28.23 -32.58
C ARG C 9 5.85 -28.02 -31.50
N GLY C 10 6.72 -27.04 -31.63
CA GLY C 10 7.54 -27.03 -30.43
C GLY C 10 6.97 -26.37 -29.17
N TYR C 11 5.75 -25.84 -29.21
CA TYR C 11 5.32 -24.84 -28.24
C TYR C 11 4.28 -25.39 -27.28
N TYR C 12 4.34 -24.92 -26.04
CA TYR C 12 3.45 -25.36 -24.98
C TYR C 12 2.76 -24.16 -24.31
N ILE C 13 1.47 -24.31 -24.03
CA ILE C 13 0.78 -23.42 -23.11
C ILE C 13 1.63 -23.27 -21.86
N ARG C 14 1.92 -22.02 -21.47
CA ARG C 14 2.58 -21.80 -20.18
C ARG C 14 2.08 -20.49 -19.59
N VAL C 15 2.43 -20.26 -18.32
CA VAL C 15 2.07 -19.04 -17.61
C VAL C 15 3.32 -18.19 -17.49
N LYS C 16 3.24 -16.98 -18.01
CA LYS C 16 4.31 -16.01 -17.91
C LYS C 16 3.70 -14.77 -17.28
N SER C 17 4.22 -14.37 -16.11
CA SER C 17 3.75 -13.19 -15.39
C SER C 17 2.22 -13.20 -15.27
N PHE C 18 1.70 -14.36 -14.83
CA PHE C 18 0.27 -14.59 -14.54
C PHE C 18 -0.63 -14.42 -15.76
N SER C 19 -0.09 -14.61 -16.96
CA SER C 19 -0.89 -14.56 -18.16
C SER C 19 -0.53 -15.74 -19.08
N GLY C 20 -1.51 -16.20 -19.86
CA GLY C 20 -1.35 -17.41 -20.65
C GLY C 20 -0.74 -17.13 -22.02
N ARG C 21 0.18 -18.00 -22.43
CA ARG C 21 0.76 -17.91 -23.75
C ARG C 21 1.24 -19.30 -24.17
N ILE C 22 1.69 -19.41 -25.42
CA ILE C 22 2.36 -20.63 -25.88
C ILE C 22 3.82 -20.29 -26.13
N ASP C 23 4.71 -21.15 -25.66
CA ASP C 23 6.14 -20.88 -25.74
C ASP C 23 6.86 -22.18 -25.97
N PRO C 24 8.02 -22.15 -26.63
CA PRO C 24 8.88 -23.33 -26.71
C PRO C 24 9.98 -23.26 -25.67
N TYR C 25 10.67 -24.38 -25.39
CA TYR C 25 11.79 -24.40 -24.44
C TYR C 25 11.45 -23.66 -23.14
N VAL C 26 10.23 -23.89 -22.64
CA VAL C 26 9.72 -23.16 -21.48
C VAL C 26 10.66 -23.30 -20.30
N ASN C 27 11.01 -22.17 -19.69
CA ASN C 27 11.91 -22.14 -18.53
C ASN C 27 11.26 -21.31 -17.42
N PRO C 28 11.04 -21.87 -16.22
CA PRO C 28 11.23 -23.30 -15.91
C PRO C 28 10.14 -24.17 -16.51
N VAL C 29 10.41 -25.46 -16.76
CA VAL C 29 9.44 -26.29 -17.44
C VAL C 29 8.13 -26.38 -16.66
N GLU C 30 8.18 -26.14 -15.35
CA GLU C 30 6.97 -26.19 -14.53
C GLU C 30 5.94 -25.14 -14.94
N ASP C 31 6.35 -24.05 -15.61
CA ASP C 31 5.40 -23.04 -16.09
C ASP C 31 4.44 -23.59 -17.13
N SER C 32 4.72 -24.76 -17.71
CA SER C 32 3.87 -25.38 -18.70
C SER C 32 3.17 -26.63 -18.15
N MET C 33 3.10 -26.79 -16.84
CA MET C 33 2.54 -28.01 -16.27
C MET C 33 1.37 -27.67 -15.35
N PHE C 34 0.28 -28.40 -15.51
CA PHE C 34 -0.94 -28.11 -14.78
C PHE C 34 -1.48 -29.39 -14.17
N LYS C 35 -2.12 -29.26 -13.04
CA LYS C 35 -2.92 -30.34 -12.48
C LYS C 35 -4.34 -30.14 -13.00
N ILE C 36 -4.83 -31.15 -13.74
CA ILE C 36 -6.18 -31.11 -14.29
C ILE C 36 -7.14 -31.61 -13.21
N VAL C 37 -8.10 -30.78 -12.83
CA VAL C 37 -9.00 -31.09 -11.73
C VAL C 37 -10.42 -31.10 -12.30
N PRO C 38 -11.36 -31.74 -11.59
CA PRO C 38 -12.78 -31.59 -11.95
C PRO C 38 -13.16 -30.12 -12.10
N GLY C 39 -13.99 -29.82 -13.10
CA GLY C 39 -14.34 -28.46 -13.43
C GLY C 39 -14.94 -27.71 -12.25
N LEU C 40 -14.40 -26.52 -11.95
CA LEU C 40 -14.83 -25.81 -10.75
C LEU C 40 -16.32 -25.51 -10.76
N ALA C 41 -16.92 -25.33 -11.94
CA ALA C 41 -18.34 -25.02 -12.04
C ALA C 41 -19.16 -26.18 -12.60
N ASP C 42 -18.56 -27.34 -12.78
CA ASP C 42 -19.21 -28.52 -13.34
C ASP C 42 -18.18 -29.63 -13.39
N PRO C 43 -18.32 -30.67 -12.56
CA PRO C 43 -17.25 -31.69 -12.48
C PRO C 43 -17.09 -32.51 -13.73
N SER C 44 -18.04 -32.46 -14.67
CA SER C 44 -17.86 -33.16 -15.93
C SER C 44 -16.93 -32.41 -16.86
N CYS C 45 -16.64 -31.14 -16.57
CA CYS C 45 -15.64 -30.34 -17.26
C CYS C 45 -14.32 -30.41 -16.51
N ILE C 46 -13.36 -29.54 -16.87
CA ILE C 46 -12.06 -29.48 -16.23
C ILE C 46 -11.71 -28.03 -15.89
N SER C 47 -10.74 -27.87 -14.99
CA SER C 47 -10.03 -26.63 -14.72
C SER C 47 -8.54 -26.93 -14.65
N PHE C 48 -7.71 -25.95 -15.02
CA PHE C 48 -6.25 -26.10 -15.05
C PHE C 48 -5.65 -25.39 -13.83
N GLU C 49 -5.30 -26.17 -12.81
CA GLU C 49 -4.64 -25.59 -11.65
C GLU C 49 -3.13 -25.55 -11.87
N SER C 50 -2.51 -24.48 -11.37
CA SER C 50 -1.09 -24.25 -11.60
C SER C 50 -0.25 -25.18 -10.75
N LYS C 51 0.77 -25.79 -11.37
CA LYS C 51 1.72 -26.58 -10.60
C LYS C 51 2.60 -25.69 -9.74
N THR C 52 3.11 -24.59 -10.29
CA THR C 52 4.03 -23.78 -9.50
C THR C 52 3.31 -22.83 -8.54
N TYR C 53 2.00 -22.65 -8.66
CA TYR C 53 1.23 -21.81 -7.74
C TYR C 53 -0.05 -22.54 -7.37
N PRO C 54 0.02 -23.45 -6.38
CA PRO C 54 -1.19 -24.16 -5.96
C PRO C 54 -2.28 -23.19 -5.56
N GLY C 55 -3.51 -23.51 -5.95
CA GLY C 55 -4.62 -22.62 -5.70
C GLY C 55 -4.85 -21.54 -6.74
N TYR C 56 -4.01 -21.44 -7.77
CA TYR C 56 -4.20 -20.54 -8.90
C TYR C 56 -4.66 -21.34 -10.11
N TYR C 57 -5.55 -20.75 -10.91
CA TYR C 57 -6.19 -21.44 -12.03
C TYR C 57 -6.13 -20.59 -13.28
N LEU C 58 -6.00 -21.25 -14.43
CA LEU C 58 -6.24 -20.57 -15.69
C LEU C 58 -7.71 -20.18 -15.76
N LYS C 59 -7.96 -18.92 -16.08
CA LYS C 59 -9.31 -18.41 -16.22
C LYS C 59 -9.24 -17.33 -17.27
N HIS C 60 -10.37 -17.08 -17.91
CA HIS C 60 -10.41 -15.97 -18.85
C HIS C 60 -10.94 -14.72 -18.15
N GLU C 61 -10.43 -13.56 -18.58
CA GLU C 61 -10.83 -12.28 -18.01
C GLU C 61 -10.65 -11.25 -19.10
N ASN C 62 -11.73 -10.57 -19.45
CA ASN C 62 -11.74 -9.72 -20.65
C ASN C 62 -11.38 -10.53 -21.89
N PHE C 63 -11.70 -11.83 -21.83
CA PHE C 63 -11.47 -12.83 -22.86
C PHE C 63 -10.00 -13.20 -23.02
N ARG C 64 -9.13 -12.72 -22.14
CA ARG C 64 -7.75 -13.20 -22.10
C ARG C 64 -7.64 -14.31 -21.09
N VAL C 65 -6.84 -15.33 -21.43
CA VAL C 65 -6.60 -16.46 -20.53
C VAL C 65 -5.43 -16.09 -19.61
N ILE C 66 -5.70 -16.03 -18.31
CA ILE C 66 -4.70 -15.57 -17.35
C ILE C 66 -4.65 -16.57 -16.21
N LEU C 67 -3.66 -16.40 -15.34
CA LEU C 67 -3.56 -17.18 -14.12
C LEU C 67 -3.92 -16.28 -12.95
N LYS C 68 -4.85 -16.74 -12.11
CA LYS C 68 -5.41 -15.91 -11.05
C LYS C 68 -5.75 -16.79 -9.87
N LYS C 69 -5.50 -16.29 -8.66
CA LYS C 69 -5.78 -17.04 -7.46
C LYS C 69 -7.28 -17.32 -7.33
N TYR C 70 -7.62 -18.53 -6.87
CA TYR C 70 -9.01 -18.90 -6.62
C TYR C 70 -9.72 -17.81 -5.85
N GLU C 71 -11.02 -17.63 -6.11
CA GLU C 71 -11.76 -16.52 -5.50
C GLU C 71 -13.07 -16.87 -4.80
N ASP C 72 -13.71 -18.01 -5.07
CA ASP C 72 -14.96 -18.41 -4.40
C ASP C 72 -16.12 -17.49 -4.79
N THR C 73 -16.28 -17.29 -6.08
CA THR C 73 -17.49 -16.71 -6.62
C THR C 73 -17.91 -17.60 -7.79
N ASP C 74 -19.22 -17.64 -8.08
CA ASP C 74 -19.65 -18.41 -9.24
C ASP C 74 -19.01 -17.90 -10.52
N LEU C 75 -18.77 -16.59 -10.63
CA LEU C 75 -18.17 -16.07 -11.85
C LEU C 75 -16.73 -16.54 -11.97
N PHE C 76 -16.00 -16.61 -10.85
CA PHE C 76 -14.62 -17.09 -10.96
C PHE C 76 -14.61 -18.54 -11.42
N ARG C 77 -15.37 -19.40 -10.73
CA ARG C 77 -15.43 -20.81 -11.13
C ARG C 77 -15.91 -20.95 -12.57
N GLU C 78 -16.89 -20.13 -12.98
CA GLU C 78 -17.37 -20.23 -14.35
C GLU C 78 -16.29 -19.82 -15.35
N ASP C 79 -15.48 -18.80 -14.98
CA ASP C 79 -14.39 -18.34 -15.83
C ASP C 79 -13.22 -19.33 -15.87
N ALA C 80 -13.10 -20.22 -14.87
CA ALA C 80 -12.00 -21.16 -14.81
C ALA C 80 -12.39 -22.58 -15.27
N THR C 81 -13.55 -22.74 -15.89
CA THR C 81 -14.07 -24.05 -16.26
C THR C 81 -14.08 -24.20 -17.78
N PHE C 82 -13.62 -25.35 -18.28
CA PHE C 82 -13.55 -25.59 -19.72
C PHE C 82 -13.93 -27.03 -20.04
N ARG C 83 -14.75 -27.21 -21.08
CA ARG C 83 -15.14 -28.53 -21.57
C ARG C 83 -14.12 -28.99 -22.62
N VAL C 84 -13.57 -30.19 -22.45
CA VAL C 84 -12.64 -30.75 -23.42
C VAL C 84 -13.43 -31.42 -24.53
N VAL C 85 -13.22 -31.00 -25.78
CA VAL C 85 -13.99 -31.50 -26.92
C VAL C 85 -13.01 -31.94 -28.00
N PRO C 86 -13.45 -32.63 -29.06
CA PRO C 86 -12.51 -33.00 -30.12
C PRO C 86 -11.92 -31.77 -30.80
N GLY C 87 -10.65 -31.88 -31.16
CA GLY C 87 -9.90 -30.79 -31.76
C GLY C 87 -10.54 -30.20 -33.00
N TRP C 88 -10.72 -28.88 -32.97
CA TRP C 88 -11.33 -28.15 -34.08
C TRP C 88 -10.66 -28.46 -35.41
N ALA C 89 -9.33 -28.65 -35.39
CA ALA C 89 -8.53 -28.90 -36.58
C ALA C 89 -8.19 -30.36 -36.76
N ASP C 90 -8.60 -31.22 -35.83
CA ASP C 90 -8.23 -32.64 -35.86
C ASP C 90 -8.96 -33.34 -34.72
N GLU C 91 -9.85 -34.25 -35.09
CA GLU C 91 -10.72 -34.96 -34.14
C GLU C 91 -9.92 -35.81 -33.15
N ASN C 92 -8.66 -36.11 -33.43
CA ASN C 92 -7.85 -36.90 -32.52
C ASN C 92 -7.00 -36.05 -31.59
N MET C 93 -7.10 -34.73 -31.67
CA MET C 93 -6.52 -33.83 -30.70
C MET C 93 -7.65 -33.18 -29.92
N ILE C 94 -7.34 -32.13 -29.16
CA ILE C 94 -8.32 -31.57 -28.24
C ILE C 94 -8.40 -30.06 -28.37
N SER C 95 -9.60 -29.54 -28.09
CA SER C 95 -9.85 -28.13 -27.94
C SER C 95 -10.57 -27.91 -26.62
N PHE C 96 -10.66 -26.65 -26.22
CA PHE C 96 -11.15 -26.30 -24.89
C PHE C 96 -12.26 -25.27 -25.04
N GLN C 97 -13.47 -25.63 -24.63
CA GLN C 97 -14.62 -24.75 -24.73
C GLN C 97 -14.79 -24.00 -23.43
N SER C 98 -15.09 -22.72 -23.53
CA SER C 98 -15.44 -21.96 -22.33
C SER C 98 -16.77 -22.46 -21.79
N TYR C 99 -16.86 -22.61 -20.48
CA TYR C 99 -18.11 -23.07 -19.86
C TYR C 99 -19.21 -22.01 -19.97
N ASN C 100 -18.92 -20.77 -19.57
CA ASN C 100 -19.90 -19.70 -19.62
C ASN C 100 -19.92 -18.92 -20.93
N TYR C 101 -18.98 -19.18 -21.86
CA TYR C 101 -19.05 -18.63 -23.21
C TYR C 101 -18.93 -19.80 -24.21
N PRO C 102 -20.00 -20.60 -24.35
CA PRO C 102 -19.88 -21.88 -25.07
C PRO C 102 -19.67 -21.76 -26.57
N TYR C 103 -19.38 -20.56 -27.05
CA TYR C 103 -19.02 -20.37 -28.46
C TYR C 103 -17.60 -19.84 -28.60
N ARG C 104 -16.85 -19.75 -27.50
CA ARG C 104 -15.47 -19.29 -27.53
C ARG C 104 -14.59 -20.41 -27.00
N TYR C 105 -13.40 -20.53 -27.59
CA TYR C 105 -12.47 -21.60 -27.26
C TYR C 105 -11.09 -21.02 -26.96
N ILE C 106 -10.30 -21.73 -26.17
CA ILE C 106 -8.92 -21.32 -25.95
C ILE C 106 -8.17 -21.42 -27.28
N ARG C 107 -7.58 -20.31 -27.69
CA ARG C 107 -6.76 -20.28 -28.90
C ARG C 107 -5.61 -19.34 -28.64
N HIS C 108 -4.55 -19.49 -29.43
CA HIS C 108 -3.44 -18.56 -29.36
C HIS C 108 -3.47 -17.62 -30.57
N ARG C 109 -3.15 -16.36 -30.33
CA ARG C 109 -3.10 -15.34 -31.37
C ARG C 109 -1.89 -14.48 -31.06
N ASP C 110 -1.03 -14.31 -32.05
CA ASP C 110 0.39 -14.10 -31.81
C ASP C 110 0.76 -15.34 -31.03
N PHE C 111 1.26 -15.22 -29.81
CA PHE C 111 1.56 -16.37 -28.99
C PHE C 111 0.91 -16.22 -27.62
N GLU C 112 -0.12 -15.38 -27.53
CA GLU C 112 -0.91 -15.19 -26.31
C GLU C 112 -2.24 -15.93 -26.44
N LEU C 113 -2.81 -16.32 -25.29
CA LEU C 113 -4.00 -17.16 -25.23
C LEU C 113 -5.23 -16.31 -24.95
N TYR C 114 -6.29 -16.54 -25.72
CA TYR C 114 -7.58 -15.87 -25.58
C TYR C 114 -8.67 -16.93 -25.70
N ILE C 115 -9.91 -16.53 -25.41
CA ILE C 115 -11.08 -17.33 -25.75
C ILE C 115 -11.85 -16.55 -26.80
N GLU C 116 -12.02 -17.16 -27.98
CA GLU C 116 -12.60 -16.48 -29.11
C GLU C 116 -13.44 -17.45 -29.94
N ASN C 117 -14.32 -16.87 -30.74
CA ASN C 117 -15.05 -17.61 -31.77
C ASN C 117 -14.09 -18.23 -32.77
N ILE C 118 -14.40 -19.45 -33.22
CA ILE C 118 -13.53 -20.24 -34.10
C ILE C 118 -14.21 -20.34 -35.46
N LYS C 119 -13.62 -19.69 -36.47
CA LYS C 119 -14.36 -19.52 -37.72
C LYS C 119 -13.53 -19.87 -38.96
N THR C 120 -12.22 -19.60 -38.94
CA THR C 120 -11.38 -19.91 -40.09
C THR C 120 -10.46 -21.08 -39.77
N ASP C 121 -9.86 -21.64 -40.82
CA ASP C 121 -8.93 -22.76 -40.67
C ASP C 121 -7.81 -22.41 -39.70
N LEU C 122 -7.29 -21.19 -39.76
CA LEU C 122 -6.24 -20.79 -38.83
C LEU C 122 -6.77 -20.75 -37.39
N ASP C 123 -7.99 -20.24 -37.20
CA ASP C 123 -8.64 -20.28 -35.89
C ASP C 123 -8.67 -21.69 -35.33
N ARG C 124 -9.08 -22.65 -36.16
CA ARG C 124 -9.22 -24.03 -35.69
C ARG C 124 -7.87 -24.60 -35.30
N LYS C 125 -6.83 -24.28 -36.09
CA LYS C 125 -5.48 -24.73 -35.75
C LYS C 125 -4.98 -24.07 -34.48
N ASP C 126 -5.24 -22.77 -34.32
CA ASP C 126 -4.84 -22.04 -33.12
C ASP C 126 -5.56 -22.55 -31.88
N ALA C 127 -6.67 -23.26 -32.05
CA ALA C 127 -7.52 -23.73 -30.97
C ALA C 127 -7.33 -25.22 -30.69
N THR C 128 -6.32 -25.84 -31.28
CA THR C 128 -6.21 -27.30 -31.28
C THR C 128 -4.87 -27.69 -30.65
N PHE C 129 -4.93 -28.54 -29.65
CA PHE C 129 -3.77 -28.87 -28.84
C PHE C 129 -3.65 -30.38 -28.67
N ILE C 130 -2.49 -30.81 -28.18
CA ILE C 130 -2.18 -32.21 -27.92
C ILE C 130 -1.92 -32.32 -26.43
N GLY C 131 -2.71 -33.17 -25.75
CA GLY C 131 -2.54 -33.36 -24.31
C GLY C 131 -1.46 -34.39 -24.05
N ILE C 132 -0.53 -34.06 -23.15
CA ILE C 132 0.59 -34.93 -22.85
C ILE C 132 0.69 -35.05 -21.34
N LYS C 133 0.53 -36.26 -20.82
CA LYS C 133 0.70 -36.45 -19.38
C LYS C 133 2.19 -36.41 -19.04
N VAL C 134 2.48 -35.91 -17.84
CA VAL C 134 3.85 -35.82 -17.37
C VAL C 134 4.00 -36.57 -16.06
N MET D 1 15.47 -14.38 3.70
CA MET D 1 14.76 -14.77 4.90
C MET D 1 15.74 -15.18 6.00
N LYS D 2 15.31 -15.01 7.25
CA LYS D 2 15.95 -15.57 8.43
C LYS D 2 14.96 -16.51 9.10
N PHE D 3 15.47 -17.26 10.07
CA PHE D 3 14.70 -18.31 10.72
C PHE D 3 15.07 -18.34 12.19
N GLU D 4 14.09 -18.08 13.04
CA GLU D 4 14.29 -17.94 14.47
C GLU D 4 13.82 -19.22 15.17
N SER D 5 14.55 -19.63 16.20
CA SER D 5 14.14 -20.82 16.93
C SER D 5 12.92 -20.54 17.81
N SER D 6 11.98 -21.47 17.80
CA SER D 6 10.76 -21.26 18.57
C SER D 6 11.03 -21.34 20.07
N ASN D 7 11.86 -22.28 20.50
CA ASN D 7 12.13 -22.38 21.93
C ASN D 7 13.34 -21.56 22.37
N TYR D 8 14.19 -21.10 21.45
CA TYR D 8 15.25 -20.16 21.80
C TYR D 8 15.00 -18.87 21.02
N ARG D 9 14.04 -18.08 21.50
CA ARG D 9 13.69 -16.82 20.84
C ARG D 9 14.91 -15.93 20.74
N GLY D 10 15.04 -15.23 19.61
CA GLY D 10 16.22 -14.43 19.34
C GLY D 10 17.44 -15.20 18.88
N TYR D 11 17.39 -16.54 18.84
CA TYR D 11 18.44 -17.34 18.23
C TYR D 11 18.02 -17.64 16.80
N TYR D 12 18.93 -17.49 15.85
CA TYR D 12 18.64 -17.66 14.43
C TYR D 12 19.57 -18.72 13.82
N ILE D 13 19.02 -19.48 12.87
CA ILE D 13 19.86 -20.31 12.02
C ILE D 13 20.94 -19.45 11.40
N ARG D 14 22.21 -19.87 11.52
CA ARG D 14 23.30 -19.17 10.85
C ARG D 14 24.41 -20.15 10.50
N VAL D 15 25.29 -19.69 9.60
CA VAL D 15 26.45 -20.43 9.17
C VAL D 15 27.68 -19.89 9.88
N LYS D 16 28.43 -20.77 10.52
CA LYS D 16 29.72 -20.45 11.10
C LYS D 16 30.70 -21.50 10.63
N SER D 17 31.79 -21.04 10.00
CA SER D 17 32.84 -21.92 9.50
C SER D 17 32.22 -23.08 8.72
N PHE D 18 31.26 -22.73 7.87
CA PHE D 18 30.62 -23.62 6.91
C PHE D 18 29.80 -24.74 7.57
N SER D 19 29.31 -24.50 8.78
CA SER D 19 28.41 -25.43 9.45
C SER D 19 27.20 -24.70 10.03
N GLY D 20 26.07 -25.39 10.07
CA GLY D 20 24.84 -24.78 10.56
C GLY D 20 24.72 -24.81 12.08
N ARG D 21 24.28 -23.69 12.65
CA ARG D 21 23.97 -23.62 14.07
C ARG D 21 22.90 -22.56 14.31
N ILE D 22 22.41 -22.48 15.54
CA ILE D 22 21.56 -21.37 15.94
C ILE D 22 22.34 -20.52 16.93
N ASP D 23 22.24 -19.20 16.77
CA ASP D 23 23.06 -18.26 17.51
C ASP D 23 22.25 -17.01 17.74
N PRO D 24 22.46 -16.33 18.86
CA PRO D 24 21.86 -15.02 19.07
C PRO D 24 22.84 -13.93 18.61
N TYR D 25 22.29 -12.75 18.34
CA TYR D 25 23.11 -11.59 17.97
C TYR D 25 24.13 -11.96 16.89
N VAL D 26 23.62 -12.50 15.78
CA VAL D 26 24.48 -13.05 14.74
C VAL D 26 25.35 -11.96 14.14
N ASN D 27 26.67 -12.19 14.18
CA ASN D 27 27.65 -11.26 13.62
C ASN D 27 28.54 -12.00 12.63
N PRO D 28 28.64 -11.53 11.37
CA PRO D 28 27.83 -10.45 10.77
C PRO D 28 26.41 -10.95 10.47
N VAL D 29 25.40 -10.06 10.49
CA VAL D 29 24.02 -10.50 10.38
C VAL D 29 23.75 -11.27 9.09
N GLU D 30 24.59 -11.07 8.07
CA GLU D 30 24.39 -11.78 6.80
C GLU D 30 24.52 -13.29 6.96
N ASP D 31 25.24 -13.75 7.99
CA ASP D 31 25.39 -15.19 8.23
C ASP D 31 24.05 -15.85 8.61
N SER D 32 23.04 -15.06 8.93
CA SER D 32 21.73 -15.58 9.29
C SER D 32 20.70 -15.38 8.20
N MET D 33 21.10 -14.86 7.04
CA MET D 33 20.19 -14.54 5.95
C MET D 33 20.41 -15.51 4.80
N PHE D 34 19.32 -15.98 4.22
CA PHE D 34 19.37 -16.95 3.13
C PHE D 34 18.41 -16.53 2.04
N LYS D 35 18.75 -16.87 0.81
CA LYS D 35 17.82 -16.73 -0.30
C LYS D 35 17.12 -18.07 -0.47
N ILE D 36 15.79 -18.05 -0.45
CA ILE D 36 15.01 -19.27 -0.58
C ILE D 36 14.69 -19.48 -2.06
N VAL D 37 15.26 -20.55 -2.64
CA VAL D 37 15.12 -20.85 -4.06
C VAL D 37 14.24 -22.09 -4.22
N PRO D 38 13.67 -22.33 -5.41
CA PRO D 38 12.98 -23.61 -5.66
C PRO D 38 13.91 -24.77 -5.29
N GLY D 39 13.35 -25.82 -4.70
CA GLY D 39 14.14 -26.95 -4.23
C GLY D 39 14.99 -27.58 -5.32
N LEU D 40 16.28 -27.78 -5.04
CA LEU D 40 17.23 -28.20 -6.06
C LEU D 40 16.84 -29.53 -6.70
N ALA D 41 16.17 -30.40 -5.95
CA ALA D 41 15.76 -31.70 -6.45
C ALA D 41 14.25 -31.80 -6.62
N ASP D 42 13.52 -30.75 -6.36
CA ASP D 42 12.07 -30.68 -6.55
C ASP D 42 11.61 -29.24 -6.34
N PRO D 43 11.04 -28.61 -7.36
CA PRO D 43 10.70 -27.17 -7.24
C PRO D 43 9.57 -26.87 -6.26
N SER D 44 8.72 -27.85 -5.92
CA SER D 44 7.72 -27.55 -4.89
C SER D 44 8.31 -27.56 -3.49
N CYS D 45 9.58 -27.91 -3.35
CA CYS D 45 10.32 -27.82 -2.11
C CYS D 45 11.19 -26.56 -2.13
N ILE D 46 12.14 -26.44 -1.19
CA ILE D 46 13.04 -25.30 -1.13
C ILE D 46 14.46 -25.78 -0.88
N SER D 47 15.41 -24.92 -1.24
CA SER D 47 16.79 -24.99 -0.80
C SER D 47 17.18 -23.63 -0.23
N PHE D 48 18.11 -23.63 0.72
CA PHE D 48 18.61 -22.41 1.35
C PHE D 48 19.93 -22.02 0.71
N GLU D 49 19.94 -20.96 -0.09
CA GLU D 49 21.20 -20.47 -0.63
C GLU D 49 21.76 -19.38 0.27
N SER D 50 23.09 -19.40 0.45
CA SER D 50 23.74 -18.46 1.35
C SER D 50 23.82 -17.08 0.72
N LYS D 51 23.54 -16.05 1.52
CA LYS D 51 23.68 -14.69 1.00
C LYS D 51 25.13 -14.25 1.01
N THR D 52 25.92 -14.69 2.00
CA THR D 52 27.33 -14.34 1.99
C THR D 52 28.12 -15.09 0.91
N TYR D 53 27.71 -16.32 0.58
CA TYR D 53 28.43 -17.15 -0.39
C TYR D 53 27.45 -17.61 -1.46
N PRO D 54 27.18 -16.77 -2.46
CA PRO D 54 26.37 -17.19 -3.60
C PRO D 54 26.88 -18.51 -4.15
N GLY D 55 25.95 -19.33 -4.60
CA GLY D 55 26.31 -20.66 -5.05
C GLY D 55 26.61 -21.67 -3.96
N TYR D 56 26.45 -21.31 -2.68
CA TYR D 56 26.54 -22.29 -1.60
C TYR D 56 25.15 -22.54 -1.03
N TYR D 57 24.92 -23.75 -0.52
CA TYR D 57 23.60 -24.13 -0.04
C TYR D 57 23.72 -24.87 1.28
N LEU D 58 22.70 -24.73 2.12
CA LEU D 58 22.60 -25.58 3.30
C LEU D 58 22.30 -27.01 2.88
N LYS D 59 22.98 -27.94 3.53
CA LYS D 59 23.05 -29.30 3.03
C LYS D 59 23.32 -30.18 4.23
N HIS D 60 22.72 -31.37 4.26
CA HIS D 60 23.01 -32.31 5.32
C HIS D 60 24.03 -33.33 4.82
N GLU D 61 24.95 -33.73 5.70
CA GLU D 61 26.06 -34.60 5.33
C GLU D 61 26.48 -35.32 6.60
N ASN D 62 26.44 -36.65 6.59
CA ASN D 62 26.56 -37.40 7.84
C ASN D 62 25.50 -36.95 8.84
N PHE D 63 24.35 -36.50 8.33
CA PHE D 63 23.19 -36.02 9.06
C PHE D 63 23.43 -34.72 9.82
N ARG D 64 24.54 -34.02 9.58
CA ARG D 64 24.72 -32.66 10.05
C ARG D 64 24.41 -31.66 8.93
N VAL D 65 23.82 -30.53 9.29
CA VAL D 65 23.46 -29.48 8.33
C VAL D 65 24.66 -28.56 8.19
N ILE D 66 25.18 -28.43 6.98
CA ILE D 66 26.39 -27.66 6.71
C ILE D 66 26.16 -26.79 5.48
N LEU D 67 27.12 -25.91 5.22
CA LEU D 67 27.13 -25.09 4.02
C LEU D 67 28.22 -25.61 3.08
N LYS D 68 27.84 -25.81 1.81
CA LYS D 68 28.72 -26.46 0.85
C LYS D 68 28.46 -25.87 -0.52
N LYS D 69 29.52 -25.63 -1.28
CA LYS D 69 29.36 -25.14 -2.63
C LYS D 69 28.63 -26.17 -3.50
N TYR D 70 27.69 -25.69 -4.33
CA TYR D 70 26.90 -26.55 -5.19
C TYR D 70 27.77 -27.56 -5.91
N GLU D 71 27.30 -28.80 -5.96
CA GLU D 71 27.93 -29.89 -6.72
C GLU D 71 26.89 -30.51 -7.63
N ASP D 72 27.27 -30.75 -8.89
CA ASP D 72 26.33 -31.19 -9.93
C ASP D 72 26.09 -32.70 -9.83
N THR D 73 25.54 -33.11 -8.69
CA THR D 73 25.17 -34.50 -8.48
C THR D 73 23.72 -34.55 -8.00
N ASP D 74 23.06 -35.68 -8.26
CA ASP D 74 21.74 -35.89 -7.71
C ASP D 74 21.78 -35.90 -6.19
N LEU D 75 22.80 -36.54 -5.61
CA LEU D 75 22.90 -36.65 -4.17
C LEU D 75 23.04 -35.28 -3.51
N PHE D 76 23.82 -34.39 -4.11
CA PHE D 76 23.94 -33.05 -3.52
C PHE D 76 22.58 -32.36 -3.52
N ARG D 77 21.91 -32.35 -4.67
CA ARG D 77 20.63 -31.68 -4.76
C ARG D 77 19.63 -32.29 -3.78
N GLU D 78 19.66 -33.62 -3.61
CA GLU D 78 18.76 -34.24 -2.63
C GLU D 78 19.15 -33.85 -1.20
N ASP D 79 20.45 -33.80 -0.91
CA ASP D 79 20.92 -33.36 0.41
C ASP D 79 20.62 -31.89 0.69
N ALA D 80 20.31 -31.09 -0.34
CA ALA D 80 20.08 -29.66 -0.19
C ALA D 80 18.61 -29.29 -0.29
N THR D 81 17.72 -30.26 -0.40
CA THR D 81 16.31 -29.96 -0.65
C THR D 81 15.50 -30.29 0.59
N PHE D 82 14.64 -29.36 1.00
CA PHE D 82 13.79 -29.55 2.17
C PHE D 82 12.35 -29.13 1.84
N ARG D 83 11.39 -29.88 2.35
CA ARG D 83 9.99 -29.52 2.23
C ARG D 83 9.55 -28.76 3.48
N VAL D 84 8.80 -27.68 3.27
CA VAL D 84 8.33 -26.86 4.38
C VAL D 84 6.96 -27.37 4.83
N VAL D 85 6.85 -27.73 6.10
CA VAL D 85 5.66 -28.35 6.66
C VAL D 85 5.27 -27.56 7.91
N PRO D 86 4.06 -27.75 8.43
CA PRO D 86 3.68 -27.02 9.64
C PRO D 86 4.55 -27.44 10.84
N GLY D 87 4.84 -26.46 11.70
CA GLY D 87 5.78 -26.66 12.78
C GLY D 87 5.40 -27.78 13.73
N TRP D 88 6.37 -28.63 14.05
CA TRP D 88 6.13 -29.81 14.88
C TRP D 88 5.51 -29.44 16.23
N ALA D 89 5.97 -28.32 16.82
CA ALA D 89 5.48 -27.89 18.12
C ALA D 89 4.46 -26.77 18.03
N ASP D 90 4.13 -26.33 16.81
CA ASP D 90 3.25 -25.18 16.62
C ASP D 90 2.92 -25.10 15.15
N GLU D 91 1.67 -25.48 14.81
CA GLU D 91 1.20 -25.54 13.43
C GLU D 91 1.29 -24.20 12.72
N ASN D 92 1.38 -23.11 13.46
CA ASN D 92 1.48 -21.79 12.83
C ASN D 92 2.92 -21.37 12.57
N MET D 93 3.89 -22.21 12.93
CA MET D 93 5.30 -22.02 12.62
C MET D 93 5.69 -23.09 11.60
N ILE D 94 7.00 -23.33 11.43
CA ILE D 94 7.46 -24.20 10.35
C ILE D 94 8.55 -25.14 10.82
N SER D 95 8.58 -26.33 10.20
CA SER D 95 9.66 -27.30 10.27
C SER D 95 10.07 -27.68 8.87
N PHE D 96 11.23 -28.35 8.78
CA PHE D 96 11.90 -28.60 7.50
C PHE D 96 12.15 -30.10 7.36
N GLN D 97 11.37 -30.75 6.51
CA GLN D 97 11.53 -32.16 6.18
C GLN D 97 12.64 -32.35 5.14
N SER D 98 13.58 -33.23 5.44
CA SER D 98 14.56 -33.65 4.44
C SER D 98 13.88 -34.29 3.22
N TYR D 99 14.37 -33.95 2.04
CA TYR D 99 13.80 -34.52 0.82
C TYR D 99 14.10 -36.01 0.70
N ASN D 100 15.37 -36.42 0.91
CA ASN D 100 15.75 -37.82 0.77
C ASN D 100 15.74 -38.59 2.09
N TYR D 101 15.44 -37.94 3.21
CA TYR D 101 15.27 -38.60 4.50
C TYR D 101 13.96 -38.13 5.12
N PRO D 102 12.83 -38.61 4.58
CA PRO D 102 11.52 -38.00 4.89
C PRO D 102 11.06 -38.18 6.33
N TYR D 103 11.78 -38.92 7.17
CA TYR D 103 11.49 -38.99 8.58
C TYR D 103 12.48 -38.20 9.43
N ARG D 104 13.38 -37.45 8.80
CA ARG D 104 14.31 -36.59 9.53
C ARG D 104 14.03 -35.14 9.18
N TYR D 105 14.16 -34.28 10.19
CA TYR D 105 13.87 -32.86 10.10
C TYR D 105 15.05 -32.07 10.63
N ILE D 106 15.22 -30.85 10.13
CA ILE D 106 16.23 -29.95 10.68
C ILE D 106 15.86 -29.64 12.12
N ARG D 107 16.82 -29.79 13.02
CA ARG D 107 16.62 -29.46 14.42
C ARG D 107 17.96 -29.06 15.02
N HIS D 108 17.92 -28.27 16.09
CA HIS D 108 19.15 -27.93 16.78
C HIS D 108 19.31 -28.82 18.02
N ARG D 109 20.55 -28.94 18.46
CA ARG D 109 20.92 -29.79 19.59
C ARG D 109 22.30 -29.35 20.04
N ASP D 110 22.40 -28.82 21.27
CA ASP D 110 23.59 -28.09 21.73
C ASP D 110 23.91 -26.95 20.77
N PHE D 111 22.86 -26.34 20.23
CA PHE D 111 22.90 -25.19 19.33
C PHE D 111 23.50 -25.50 17.96
N GLU D 112 23.80 -26.76 17.63
CA GLU D 112 24.23 -27.15 16.29
C GLU D 112 23.06 -27.82 15.55
N LEU D 113 23.11 -27.78 14.22
CA LEU D 113 21.97 -28.17 13.39
C LEU D 113 22.19 -29.55 12.78
N TYR D 114 21.18 -30.42 12.94
CA TYR D 114 21.18 -31.78 12.40
C TYR D 114 19.86 -32.04 11.70
N ILE D 115 19.76 -33.15 10.97
CA ILE D 115 18.47 -33.69 10.55
C ILE D 115 18.27 -35.02 11.26
N GLU D 116 17.18 -35.13 12.03
CA GLU D 116 17.00 -36.25 12.93
C GLU D 116 15.52 -36.59 13.03
N ASN D 117 15.25 -37.81 13.50
CA ASN D 117 13.89 -38.21 13.81
C ASN D 117 13.34 -37.36 14.94
N ILE D 118 12.06 -37.04 14.87
CA ILE D 118 11.42 -36.13 15.82
C ILE D 118 10.42 -36.95 16.64
N LYS D 119 10.72 -37.13 17.92
CA LYS D 119 9.95 -38.04 18.78
C LYS D 119 9.44 -37.41 20.06
N THR D 120 10.25 -36.63 20.76
CA THR D 120 9.86 -36.07 22.05
C THR D 120 9.40 -34.62 21.92
N ASP D 121 8.69 -34.15 22.96
CA ASP D 121 8.25 -32.75 22.98
C ASP D 121 9.43 -31.81 22.73
N LEU D 122 10.59 -32.12 23.30
CA LEU D 122 11.78 -31.30 23.07
C LEU D 122 12.24 -31.38 21.61
N ASP D 123 12.26 -32.57 21.02
CA ASP D 123 12.61 -32.70 19.61
C ASP D 123 11.73 -31.80 18.74
N ARG D 124 10.41 -31.86 18.96
CA ARG D 124 9.48 -31.05 18.17
C ARG D 124 9.79 -29.56 18.32
N LYS D 125 10.15 -29.14 19.53
CA LYS D 125 10.47 -27.72 19.76
C LYS D 125 11.79 -27.34 19.10
N ASP D 126 12.78 -28.23 19.17
CA ASP D 126 14.07 -28.00 18.52
C ASP D 126 13.95 -27.96 17.01
N ALA D 127 12.84 -28.45 16.46
CA ALA D 127 12.65 -28.53 15.03
C ALA D 127 11.63 -27.53 14.52
N THR D 128 11.21 -26.58 15.34
CA THR D 128 10.17 -25.62 15.01
C THR D 128 10.77 -24.22 14.94
N PHE D 129 10.52 -23.52 13.84
CA PHE D 129 11.16 -22.23 13.59
C PHE D 129 10.14 -21.21 13.08
N ILE D 130 10.55 -19.94 13.15
CA ILE D 130 9.75 -18.82 12.66
C ILE D 130 10.48 -18.23 11.48
N GLY D 131 9.87 -18.30 10.29
CA GLY D 131 10.42 -17.67 9.10
C GLY D 131 10.13 -16.18 9.03
N ILE D 132 11.18 -15.36 8.91
CA ILE D 132 11.07 -13.91 8.92
C ILE D 132 11.70 -13.36 7.65
N LYS D 133 10.94 -12.60 6.87
CA LYS D 133 11.46 -12.02 5.62
C LYS D 133 12.27 -10.76 5.87
N MET E 1 -11.26 21.35 -20.37
CA MET E 1 -9.82 21.46 -20.08
C MET E 1 -9.48 22.21 -18.79
N LYS E 2 -8.40 21.78 -18.12
CA LYS E 2 -7.79 22.51 -17.02
C LYS E 2 -6.31 22.66 -17.32
N PHE E 3 -5.64 23.44 -16.49
CA PHE E 3 -4.26 23.80 -16.76
C PHE E 3 -3.49 23.83 -15.45
N GLU E 4 -2.55 22.90 -15.35
CA GLU E 4 -1.76 22.68 -14.16
C GLU E 4 -0.44 23.42 -14.32
N SER E 5 -0.03 24.15 -13.29
CA SER E 5 1.25 24.83 -13.33
C SER E 5 2.36 23.79 -13.31
N SER E 6 3.44 24.07 -14.04
CA SER E 6 4.50 23.06 -14.19
C SER E 6 5.48 23.08 -13.04
N ASN E 7 5.65 24.23 -12.36
CA ASN E 7 6.56 24.29 -11.22
C ASN E 7 5.83 24.27 -9.88
N TYR E 8 4.52 24.39 -9.88
CA TYR E 8 3.69 24.15 -8.71
C TYR E 8 2.69 23.07 -9.07
N ARG E 9 3.20 21.85 -9.25
CA ARG E 9 2.33 20.75 -9.64
C ARG E 9 1.21 20.61 -8.62
N GLY E 10 0.05 20.19 -9.11
CA GLY E 10 -1.13 20.15 -8.30
C GLY E 10 -1.84 21.48 -8.13
N TYR E 11 -1.30 22.58 -8.67
CA TYR E 11 -1.97 23.88 -8.68
C TYR E 11 -2.56 24.13 -10.06
N TYR E 12 -3.81 24.58 -10.11
CA TYR E 12 -4.51 24.79 -11.37
C TYR E 12 -4.89 26.25 -11.53
N ILE E 13 -4.84 26.70 -12.79
CA ILE E 13 -5.48 27.96 -13.15
C ILE E 13 -6.96 27.90 -12.77
N ARG E 14 -7.40 28.89 -11.99
CA ARG E 14 -8.81 28.97 -11.58
C ARG E 14 -9.23 30.42 -11.44
N VAL E 15 -10.54 30.62 -11.43
CA VAL E 15 -11.13 31.93 -11.22
C VAL E 15 -11.66 32.00 -9.80
N LYS E 16 -11.33 33.09 -9.10
CA LYS E 16 -11.90 33.39 -7.79
C LYS E 16 -12.19 34.88 -7.71
N SER E 17 -13.43 35.23 -7.37
CA SER E 17 -13.90 36.62 -7.39
C SER E 17 -13.58 37.30 -8.71
N PHE E 18 -13.80 36.57 -9.81
CA PHE E 18 -13.59 37.04 -11.18
C PHE E 18 -12.15 37.42 -11.46
N SER E 19 -11.21 36.97 -10.65
CA SER E 19 -9.79 37.15 -10.95
C SER E 19 -9.09 35.80 -11.10
N GLY E 20 -8.09 35.77 -11.96
CA GLY E 20 -7.37 34.53 -12.25
C GLY E 20 -6.22 34.32 -11.28
N ARG E 21 -6.04 33.05 -10.86
CA ARG E 21 -4.94 32.67 -9.99
C ARG E 21 -4.69 31.17 -10.12
N ILE E 22 -3.67 30.67 -9.42
CA ILE E 22 -3.42 29.24 -9.35
C ILE E 22 -3.57 28.79 -7.89
N ASP E 23 -4.32 27.72 -7.69
CA ASP E 23 -4.62 27.10 -6.40
C ASP E 23 -4.56 25.59 -6.53
N PRO E 24 -4.16 24.89 -5.46
CA PRO E 24 -4.42 23.45 -5.36
C PRO E 24 -5.80 23.21 -4.76
N TYR E 25 -6.27 21.98 -4.96
CA TYR E 25 -7.55 21.54 -4.40
C TYR E 25 -8.66 22.55 -4.72
N VAL E 26 -8.81 22.86 -6.01
CA VAL E 26 -9.77 23.87 -6.43
C VAL E 26 -11.17 23.41 -6.07
N ASN E 27 -11.90 24.26 -5.37
CA ASN E 27 -13.22 23.95 -4.89
C ASN E 27 -14.05 25.23 -4.90
N PRO E 28 -15.16 25.30 -5.64
CA PRO E 28 -15.72 24.27 -6.52
C PRO E 28 -14.80 23.96 -7.71
N VAL E 29 -14.60 22.66 -7.96
CA VAL E 29 -13.65 22.22 -8.98
C VAL E 29 -13.93 22.85 -10.34
N GLU E 30 -15.19 23.18 -10.63
CA GLU E 30 -15.51 23.75 -11.94
C GLU E 30 -14.84 25.12 -12.14
N ASP E 31 -14.45 25.80 -11.05
CA ASP E 31 -13.69 27.04 -11.19
C ASP E 31 -12.40 26.86 -11.98
N SER E 32 -11.92 25.62 -12.11
CA SER E 32 -10.67 25.33 -12.82
C SER E 32 -10.89 24.75 -14.21
N MET E 33 -12.13 24.71 -14.69
CA MET E 33 -12.47 24.04 -15.94
C MET E 33 -12.85 25.08 -16.98
N PHE E 34 -12.31 24.94 -18.19
CA PHE E 34 -12.50 25.94 -19.23
C PHE E 34 -12.93 25.27 -20.52
N LYS E 35 -13.85 25.92 -21.23
CA LYS E 35 -14.18 25.53 -22.59
C LYS E 35 -13.24 26.31 -23.51
N ILE E 36 -12.44 25.59 -24.28
CA ILE E 36 -11.50 26.21 -25.20
C ILE E 36 -12.22 26.40 -26.53
N VAL E 37 -12.36 27.65 -26.94
CA VAL E 37 -13.09 28.02 -28.16
C VAL E 37 -12.10 28.63 -29.14
N PRO E 38 -12.41 28.62 -30.44
CA PRO E 38 -11.59 29.39 -31.38
C PRO E 38 -11.40 30.81 -30.89
N GLY E 39 -10.19 31.33 -31.06
CA GLY E 39 -9.85 32.65 -30.58
C GLY E 39 -10.85 33.72 -30.97
N LEU E 40 -11.25 34.54 -29.99
CA LEU E 40 -12.26 35.55 -30.25
C LEU E 40 -11.81 36.56 -31.29
N ALA E 41 -10.51 36.88 -31.33
CA ALA E 41 -9.95 37.79 -32.32
C ALA E 41 -9.22 37.09 -33.46
N ASP E 42 -9.04 35.77 -33.38
CA ASP E 42 -8.38 35.02 -34.44
C ASP E 42 -8.61 33.54 -34.17
N PRO E 43 -9.40 32.85 -35.01
CA PRO E 43 -9.66 31.43 -34.77
C PRO E 43 -8.41 30.57 -34.78
N SER E 44 -7.30 31.05 -35.35
CA SER E 44 -6.04 30.30 -35.25
C SER E 44 -5.51 30.26 -33.82
N CYS E 45 -5.97 31.14 -32.95
CA CYS E 45 -5.59 31.17 -31.55
C CYS E 45 -6.72 30.57 -30.72
N ILE E 46 -6.68 30.77 -29.40
CA ILE E 46 -7.71 30.24 -28.52
C ILE E 46 -8.23 31.34 -27.60
N SER E 47 -9.35 31.04 -26.97
CA SER E 47 -9.85 31.82 -25.84
C SER E 47 -10.32 30.82 -24.78
N PHE E 48 -10.39 31.30 -23.54
CA PHE E 48 -10.80 30.49 -22.39
C PHE E 48 -12.18 30.94 -21.94
N GLU E 49 -13.20 30.14 -22.21
CA GLU E 49 -14.54 30.46 -21.76
C GLU E 49 -14.83 29.71 -20.45
N SER E 50 -15.37 30.44 -19.47
CA SER E 50 -15.78 29.87 -18.20
C SER E 50 -16.77 28.71 -18.36
N LYS E 51 -16.59 27.70 -17.52
CA LYS E 51 -17.54 26.59 -17.43
C LYS E 51 -18.74 26.96 -16.57
N THR E 52 -18.49 27.54 -15.38
CA THR E 52 -19.59 27.89 -14.49
C THR E 52 -20.39 29.08 -15.00
N TYR E 53 -19.75 30.01 -15.74
CA TYR E 53 -20.39 31.21 -16.27
C TYR E 53 -20.20 31.26 -17.78
N PRO E 54 -21.04 30.57 -18.56
CA PRO E 54 -20.95 30.68 -20.01
C PRO E 54 -21.07 32.13 -20.46
N GLY E 55 -20.31 32.48 -21.49
CA GLY E 55 -20.28 33.85 -21.99
C GLY E 55 -19.36 34.78 -21.25
N TYR E 56 -18.55 34.25 -20.30
CA TYR E 56 -17.46 34.98 -19.67
C TYR E 56 -16.14 34.38 -20.13
N TYR E 57 -15.11 35.23 -20.24
CA TYR E 57 -13.84 34.86 -20.81
C TYR E 57 -12.69 35.36 -19.94
N LEU E 58 -11.60 34.58 -19.91
CA LEU E 58 -10.35 35.10 -19.37
C LEU E 58 -9.87 36.19 -20.31
N LYS E 59 -9.47 37.33 -19.74
CA LYS E 59 -8.93 38.42 -20.51
C LYS E 59 -7.94 39.16 -19.64
N HIS E 60 -7.02 39.88 -20.27
CA HIS E 60 -6.08 40.68 -19.50
C HIS E 60 -6.61 42.11 -19.43
N GLU E 61 -6.43 42.73 -18.28
CA GLU E 61 -6.89 44.08 -18.02
C GLU E 61 -5.91 44.74 -17.07
N ASN E 62 -5.26 45.82 -17.52
CA ASN E 62 -4.05 46.34 -16.87
C ASN E 62 -3.05 45.23 -16.58
N PHE E 63 -2.96 44.27 -17.51
CA PHE E 63 -2.03 43.15 -17.51
C PHE E 63 -2.31 42.14 -16.40
N ARG E 64 -3.45 42.21 -15.75
CA ARG E 64 -3.89 41.17 -14.82
C ARG E 64 -4.90 40.28 -15.53
N VAL E 65 -4.78 38.97 -15.32
CA VAL E 65 -5.70 38.05 -15.98
C VAL E 65 -6.96 37.96 -15.15
N ILE E 66 -8.09 38.38 -15.73
CA ILE E 66 -9.38 38.45 -15.06
C ILE E 66 -10.40 37.68 -15.88
N LEU E 67 -11.54 37.39 -15.24
CA LEU E 67 -12.71 36.83 -15.89
C LEU E 67 -13.72 37.96 -16.12
N LYS E 68 -14.23 38.06 -17.34
CA LYS E 68 -15.08 39.20 -17.68
C LYS E 68 -16.13 38.78 -18.69
N LYS E 69 -17.35 39.29 -18.49
CA LYS E 69 -18.45 39.01 -19.39
C LYS E 69 -18.16 39.53 -20.79
N TYR E 70 -18.56 38.77 -21.79
CA TYR E 70 -18.27 39.10 -23.19
C TYR E 70 -18.77 40.49 -23.55
N GLU E 71 -17.91 41.27 -24.21
CA GLU E 71 -18.25 42.58 -24.74
C GLU E 71 -17.97 42.57 -26.23
N ASP E 72 -18.91 43.10 -27.02
CA ASP E 72 -18.83 43.08 -28.48
C ASP E 72 -18.01 44.26 -28.97
N THR E 73 -16.71 44.22 -28.63
CA THR E 73 -15.76 45.23 -29.07
C THR E 73 -14.48 44.53 -29.50
N ASP E 74 -13.77 45.17 -30.42
CA ASP E 74 -12.50 44.62 -30.90
C ASP E 74 -11.49 44.52 -29.77
N LEU E 75 -11.50 45.46 -28.83
CA LEU E 75 -10.52 45.44 -27.75
C LEU E 75 -10.76 44.26 -26.82
N PHE E 76 -12.02 43.98 -26.45
CA PHE E 76 -12.27 42.87 -25.56
C PHE E 76 -11.80 41.57 -26.19
N ARG E 77 -12.04 41.41 -27.49
CA ARG E 77 -11.71 40.16 -28.14
C ARG E 77 -10.19 39.97 -28.24
N GLU E 78 -9.46 41.05 -28.48
CA GLU E 78 -7.99 40.94 -28.56
C GLU E 78 -7.38 40.69 -27.18
N ASP E 79 -7.96 41.30 -26.14
CA ASP E 79 -7.53 41.04 -24.76
C ASP E 79 -7.80 39.60 -24.33
N ALA E 80 -8.77 38.93 -24.95
CA ALA E 80 -9.20 37.60 -24.53
C ALA E 80 -8.72 36.50 -25.47
N THR E 81 -7.75 36.79 -26.33
CA THR E 81 -7.30 35.83 -27.34
C THR E 81 -5.82 35.51 -27.10
N PHE E 82 -5.49 34.22 -27.09
CA PHE E 82 -4.14 33.76 -26.78
C PHE E 82 -3.70 32.67 -27.75
N ARG E 83 -2.39 32.62 -28.03
CA ARG E 83 -1.81 31.63 -28.93
C ARG E 83 -1.07 30.61 -28.08
N VAL E 84 -1.46 29.35 -28.21
CA VAL E 84 -0.73 28.26 -27.56
C VAL E 84 0.61 28.08 -28.25
N VAL E 85 1.69 28.08 -27.47
CA VAL E 85 3.03 27.88 -28.03
C VAL E 85 3.75 26.83 -27.17
N PRO E 86 4.90 26.32 -27.61
CA PRO E 86 5.61 25.33 -26.79
C PRO E 86 6.08 25.94 -25.48
N GLY E 87 6.00 25.15 -24.41
CA GLY E 87 6.21 25.70 -23.08
C GLY E 87 7.62 26.26 -22.92
N TRP E 88 7.69 27.41 -22.24
CA TRP E 88 8.94 28.13 -22.10
C TRP E 88 10.00 27.29 -21.40
N ALA E 89 9.63 26.65 -20.29
CA ALA E 89 10.55 25.81 -19.53
C ALA E 89 10.56 24.35 -19.98
N ASP E 90 9.68 23.96 -20.90
CA ASP E 90 9.55 22.55 -21.31
C ASP E 90 8.85 22.47 -22.65
N GLU E 91 9.55 21.93 -23.67
CA GLU E 91 8.95 21.74 -24.99
C GLU E 91 7.71 20.87 -24.94
N ASN E 92 7.64 19.91 -24.01
CA ASN E 92 6.49 19.01 -23.97
C ASN E 92 5.28 19.59 -23.24
N MET E 93 5.37 20.81 -22.73
CA MET E 93 4.23 21.49 -22.12
C MET E 93 3.88 22.70 -22.99
N ILE E 94 3.13 23.65 -22.43
CA ILE E 94 2.56 24.74 -23.24
C ILE E 94 2.66 26.06 -22.50
N SER E 95 2.76 27.14 -23.27
CA SER E 95 2.63 28.50 -22.76
C SER E 95 1.57 29.25 -23.56
N PHE E 96 1.18 30.43 -23.06
CA PHE E 96 0.08 31.20 -23.64
C PHE E 96 0.55 32.61 -23.96
N GLN E 97 0.72 32.88 -25.25
CA GLN E 97 1.19 34.17 -25.73
C GLN E 97 -0.01 35.07 -26.02
N SER E 98 0.06 36.33 -25.57
CA SER E 98 -1.01 37.28 -25.81
C SER E 98 -1.07 37.74 -27.27
N TYR E 99 -2.31 37.92 -27.77
CA TYR E 99 -2.53 38.28 -29.17
C TYR E 99 -2.16 39.73 -29.49
N ASN E 100 -2.51 40.67 -28.61
CA ASN E 100 -2.22 42.08 -28.84
C ASN E 100 -0.97 42.55 -28.11
N TYR E 101 -0.33 41.70 -27.30
CA TYR E 101 0.97 41.98 -26.71
C TYR E 101 1.81 40.74 -26.90
N PRO E 102 2.36 40.53 -28.10
CA PRO E 102 3.03 39.26 -28.39
C PRO E 102 4.28 38.98 -27.56
N TYR E 103 4.79 39.93 -26.80
CA TYR E 103 5.93 39.64 -25.94
C TYR E 103 5.53 39.34 -24.51
N ARG E 104 4.24 39.24 -24.25
CA ARG E 104 3.74 39.01 -22.90
C ARG E 104 3.03 37.68 -22.84
N TYR E 105 3.30 36.93 -21.79
CA TYR E 105 2.76 35.58 -21.67
C TYR E 105 2.02 35.46 -20.35
N ILE E 106 1.02 34.59 -20.34
CA ILE E 106 0.37 34.24 -19.09
C ILE E 106 1.38 33.58 -18.16
N ARG E 107 1.52 34.14 -16.96
CA ARG E 107 2.34 33.54 -15.92
C ARG E 107 1.70 33.82 -14.56
N HIS E 108 2.11 33.03 -13.57
CA HIS E 108 1.73 33.36 -12.20
C HIS E 108 2.88 34.04 -11.48
N ARG E 109 2.53 34.88 -10.53
CA ARG E 109 3.46 35.58 -9.66
C ARG E 109 2.70 35.89 -8.38
N ASP E 110 3.21 35.38 -7.26
CA ASP E 110 2.46 35.36 -5.99
C ASP E 110 1.11 34.68 -6.17
N PHE E 111 1.10 33.64 -7.01
CA PHE E 111 -0.05 32.81 -7.31
C PHE E 111 -1.19 33.58 -7.97
N GLU E 112 -0.94 34.79 -8.47
CA GLU E 112 -1.89 35.55 -9.25
C GLU E 112 -1.44 35.59 -10.71
N LEU E 113 -2.40 35.73 -11.62
CA LEU E 113 -2.09 35.54 -13.02
C LEU E 113 -1.96 36.91 -13.71
N TYR E 114 -0.90 37.05 -14.49
CA TYR E 114 -0.58 38.27 -15.23
C TYR E 114 -0.19 37.86 -16.65
N ILE E 115 -0.17 38.83 -17.56
CA ILE E 115 0.52 38.64 -18.83
C ILE E 115 1.76 39.51 -18.76
N GLU E 116 2.94 38.88 -18.69
CA GLU E 116 4.18 39.59 -18.45
C GLU E 116 5.26 39.10 -19.40
N ASN E 117 6.33 39.88 -19.48
CA ASN E 117 7.46 39.48 -20.30
C ASN E 117 8.25 38.39 -19.58
N ILE E 118 8.76 37.45 -20.38
CA ILE E 118 9.37 36.23 -19.88
C ILE E 118 10.86 36.30 -20.17
N LYS E 119 11.68 36.50 -19.13
CA LYS E 119 13.12 36.66 -19.33
C LYS E 119 13.98 35.68 -18.52
N THR E 120 13.65 35.44 -17.26
CA THR E 120 14.48 34.60 -16.40
C THR E 120 14.03 33.13 -16.41
N ASP E 121 14.71 32.32 -15.59
CA ASP E 121 14.38 30.90 -15.48
C ASP E 121 13.12 30.68 -14.65
N LEU E 122 12.92 31.50 -13.61
CA LEU E 122 11.69 31.44 -12.85
C LEU E 122 10.51 31.94 -13.67
N ASP E 123 10.73 33.01 -14.45
CA ASP E 123 9.71 33.50 -15.38
C ASP E 123 9.20 32.38 -16.27
N ARG E 124 10.14 31.70 -16.94
CA ARG E 124 9.78 30.63 -17.86
C ARG E 124 8.98 29.55 -17.14
N LYS E 125 9.44 29.15 -15.96
CA LYS E 125 8.71 28.14 -15.19
C LYS E 125 7.29 28.62 -14.86
N ASP E 126 7.17 29.89 -14.48
CA ASP E 126 5.88 30.50 -14.17
C ASP E 126 4.94 30.57 -15.36
N ALA E 127 5.46 30.54 -16.57
CA ALA E 127 4.61 30.66 -17.74
C ALA E 127 4.36 29.32 -18.41
N THR E 128 4.73 28.21 -17.77
CA THR E 128 4.66 26.88 -18.38
C THR E 128 3.59 26.05 -17.66
N PHE E 129 2.65 25.52 -18.42
CA PHE E 129 1.48 24.83 -17.88
C PHE E 129 1.27 23.49 -18.58
N ILE E 130 0.49 22.61 -17.94
CA ILE E 130 0.07 21.33 -18.50
C ILE E 130 -1.43 21.39 -18.76
N GLY E 131 -1.84 21.15 -20.00
CA GLY E 131 -3.25 21.10 -20.35
C GLY E 131 -3.82 19.71 -20.14
N ILE E 132 -4.96 19.63 -19.45
CA ILE E 132 -5.57 18.35 -19.08
C ILE E 132 -7.02 18.36 -19.56
N LYS E 133 -7.37 17.43 -20.44
CA LYS E 133 -8.73 17.29 -20.94
C LYS E 133 -9.65 16.78 -19.83
N MET F 1 -10.06 -5.89 22.24
CA MET F 1 -9.45 -4.60 22.56
C MET F 1 -8.10 -4.37 21.84
N LYS F 2 -7.77 -3.10 21.63
CA LYS F 2 -6.49 -2.63 21.12
C LYS F 2 -5.87 -1.68 22.12
N PHE F 3 -4.57 -1.43 21.94
CA PHE F 3 -3.81 -0.63 22.90
C PHE F 3 -2.87 0.32 22.18
N GLU F 4 -3.12 1.63 22.33
CA GLU F 4 -2.36 2.69 21.66
C GLU F 4 -1.29 3.23 22.59
N SER F 5 -0.07 3.40 22.06
CA SER F 5 1.01 4.01 22.83
C SER F 5 0.64 5.46 23.09
N SER F 6 1.00 5.95 24.28
CA SER F 6 0.67 7.33 24.61
C SER F 6 1.65 8.32 23.99
N ASN F 7 2.94 7.98 23.94
CA ASN F 7 3.90 8.93 23.39
C ASN F 7 4.13 8.75 21.90
N TYR F 8 3.60 7.67 21.30
CA TYR F 8 3.67 7.47 19.85
C TYR F 8 2.24 7.20 19.40
N ARG F 9 1.40 8.24 19.47
CA ARG F 9 0.01 8.10 19.10
C ARG F 9 -0.09 7.62 17.66
N GLY F 10 -1.12 6.84 17.38
CA GLY F 10 -1.21 6.15 16.12
C GLY F 10 -0.49 4.81 16.07
N TYR F 11 0.36 4.50 17.04
CA TYR F 11 1.08 3.22 17.10
C TYR F 11 0.39 2.31 18.11
N TYR F 12 0.26 1.03 17.77
CA TYR F 12 -0.49 0.10 18.60
C TYR F 12 0.36 -1.11 18.92
N ILE F 13 0.10 -1.71 20.08
CA ILE F 13 0.64 -3.02 20.39
C ILE F 13 0.17 -4.01 19.33
N ARG F 14 1.11 -4.75 18.74
CA ARG F 14 0.75 -5.78 17.78
C ARG F 14 1.78 -6.90 17.79
N VAL F 15 1.38 -8.02 17.22
CA VAL F 15 2.25 -9.18 17.10
C VAL F 15 2.74 -9.28 15.66
N LYS F 16 4.05 -9.46 15.51
CA LYS F 16 4.69 -9.63 14.21
C LYS F 16 5.71 -10.75 14.36
N SER F 17 5.58 -11.80 13.53
CA SER F 17 6.39 -13.02 13.66
C SER F 17 6.52 -13.47 15.11
N PHE F 18 5.38 -13.51 15.81
CA PHE F 18 5.27 -14.01 17.18
C PHE F 18 5.99 -13.14 18.20
N SER F 19 6.27 -11.89 17.85
CA SER F 19 6.96 -10.96 18.73
C SER F 19 6.14 -9.70 18.87
N GLY F 20 6.12 -9.16 20.10
CA GLY F 20 5.36 -7.95 20.37
C GLY F 20 6.13 -6.70 19.97
N ARG F 21 5.41 -5.75 19.39
CA ARG F 21 5.97 -4.44 19.05
C ARG F 21 4.84 -3.41 18.97
N ILE F 22 5.20 -2.17 18.66
CA ILE F 22 4.23 -1.13 18.37
C ILE F 22 4.47 -0.61 16.97
N ASP F 23 3.43 -0.56 16.15
CA ASP F 23 3.48 -0.09 14.77
C ASP F 23 2.27 0.77 14.51
N PRO F 24 2.39 1.75 13.61
CA PRO F 24 1.22 2.41 13.05
C PRO F 24 0.71 1.63 11.84
N TYR F 25 -0.56 1.89 11.48
CA TYR F 25 -1.19 1.29 10.31
C TYR F 25 -1.00 -0.23 10.30
N VAL F 26 -1.39 -0.86 11.41
CA VAL F 26 -1.21 -2.30 11.57
C VAL F 26 -2.03 -3.02 10.50
N ASN F 27 -1.36 -3.91 9.78
CA ASN F 27 -1.93 -4.68 8.70
C ASN F 27 -1.24 -6.04 8.73
N PRO F 28 -1.97 -7.15 8.92
CA PRO F 28 -3.43 -7.22 9.15
C PRO F 28 -3.83 -6.60 10.48
N VAL F 29 -4.90 -5.82 10.48
CA VAL F 29 -5.28 -5.06 11.66
C VAL F 29 -5.61 -5.98 12.83
N GLU F 30 -6.00 -7.23 12.55
CA GLU F 30 -6.30 -8.15 13.64
C GLU F 30 -5.07 -8.48 14.48
N ASP F 31 -3.86 -8.23 13.96
CA ASP F 31 -2.64 -8.42 14.74
C ASP F 31 -2.53 -7.48 15.92
N SER F 32 -3.41 -6.47 16.02
CA SER F 32 -3.38 -5.51 17.11
C SER F 32 -4.58 -5.67 18.03
N MET F 33 -5.39 -6.69 17.83
CA MET F 33 -6.59 -6.90 18.62
C MET F 33 -6.41 -8.13 19.50
N PHE F 34 -6.82 -8.00 20.75
CA PHE F 34 -6.64 -9.03 21.77
C PHE F 34 -7.95 -9.23 22.51
N LYS F 35 -8.23 -10.48 22.86
CA LYS F 35 -9.34 -10.79 23.75
C LYS F 35 -8.79 -10.80 25.18
N ILE F 36 -9.26 -9.88 26.00
CA ILE F 36 -8.82 -9.79 27.39
C ILE F 36 -9.61 -10.80 28.22
N VAL F 37 -8.90 -11.74 28.83
CA VAL F 37 -9.51 -12.79 29.64
C VAL F 37 -9.00 -12.60 31.06
N PRO F 38 -9.67 -13.21 32.05
CA PRO F 38 -9.13 -13.18 33.42
C PRO F 38 -7.72 -13.75 33.42
N GLY F 39 -6.86 -13.18 34.27
CA GLY F 39 -5.48 -13.59 34.34
C GLY F 39 -5.28 -15.10 34.44
N LEU F 40 -4.30 -15.62 33.70
CA LEU F 40 -4.08 -17.07 33.72
C LEU F 40 -3.55 -17.53 35.08
N ALA F 41 -2.78 -16.68 35.77
CA ALA F 41 -2.23 -17.02 37.08
C ALA F 41 -2.99 -16.38 38.24
N ASP F 42 -3.86 -15.41 37.97
CA ASP F 42 -4.66 -14.72 38.96
C ASP F 42 -5.83 -14.04 38.25
N PRO F 43 -7.07 -14.51 38.48
CA PRO F 43 -8.24 -13.88 37.85
C PRO F 43 -8.44 -12.42 38.20
N SER F 44 -7.75 -11.89 39.21
CA SER F 44 -7.84 -10.46 39.49
C SER F 44 -7.09 -9.63 38.45
N CYS F 45 -6.06 -10.19 37.82
CA CYS F 45 -5.31 -9.51 36.75
C CYS F 45 -5.87 -9.90 35.39
N ILE F 46 -5.10 -9.68 34.31
CA ILE F 46 -5.55 -9.98 32.96
C ILE F 46 -4.48 -10.75 32.19
N SER F 47 -4.91 -11.36 31.08
CA SER F 47 -4.03 -11.91 30.07
C SER F 47 -4.55 -11.49 28.70
N PHE F 48 -3.64 -11.37 27.73
CA PHE F 48 -3.98 -10.94 26.37
C PHE F 48 -4.02 -12.17 25.46
N GLU F 49 -5.21 -12.59 25.06
CA GLU F 49 -5.31 -13.71 24.13
C GLU F 49 -5.40 -13.22 22.68
N SER F 50 -4.64 -13.87 21.80
CA SER F 50 -4.62 -13.48 20.39
C SER F 50 -6.01 -13.65 19.79
N LYS F 51 -6.35 -12.71 18.90
CA LYS F 51 -7.59 -12.79 18.13
C LYS F 51 -7.42 -13.67 16.90
N THR F 52 -6.28 -13.56 16.22
CA THR F 52 -5.99 -14.41 15.07
C THR F 52 -5.73 -15.86 15.49
N TYR F 53 -5.04 -16.07 16.60
CA TYR F 53 -4.68 -17.40 17.08
C TYR F 53 -5.25 -17.63 18.48
N PRO F 54 -6.49 -18.09 18.59
CA PRO F 54 -7.02 -18.45 19.93
C PRO F 54 -6.07 -19.42 20.61
N GLY F 55 -5.97 -19.31 21.93
CA GLY F 55 -5.10 -20.18 22.70
C GLY F 55 -3.63 -19.80 22.69
N TYR F 56 -3.28 -18.68 22.04
CA TYR F 56 -1.99 -18.05 22.15
C TYR F 56 -2.13 -16.78 22.97
N TYR F 57 -1.13 -16.47 23.79
CA TYR F 57 -1.19 -15.34 24.70
C TYR F 57 0.09 -14.55 24.62
N LEU F 58 0.00 -13.25 24.94
CA LEU F 58 1.20 -12.47 25.17
C LEU F 58 1.85 -12.95 26.44
N LYS F 59 3.18 -13.05 26.41
CA LYS F 59 3.92 -13.49 27.59
C LYS F 59 5.32 -12.90 27.47
N HIS F 60 6.00 -12.77 28.61
CA HIS F 60 7.39 -12.33 28.57
C HIS F 60 8.30 -13.55 28.63
N GLU F 61 9.40 -13.46 27.91
CA GLU F 61 10.39 -14.53 27.82
C GLU F 61 11.74 -13.87 27.65
N ASN F 62 12.64 -14.06 28.62
CA ASN F 62 13.88 -13.28 28.71
C ASN F 62 13.60 -11.78 28.70
N PHE F 63 12.45 -11.39 29.24
CA PHE F 63 11.96 -10.02 29.39
C PHE F 63 11.60 -9.35 28.07
N ARG F 64 11.49 -10.11 26.97
CA ARG F 64 10.86 -9.64 25.75
C ARG F 64 9.41 -10.12 25.71
N VAL F 65 8.52 -9.25 25.26
CA VAL F 65 7.10 -9.60 25.15
C VAL F 65 6.89 -10.34 23.83
N ILE F 66 6.42 -11.58 23.91
CA ILE F 66 6.24 -12.45 22.76
C ILE F 66 4.83 -13.01 22.76
N LEU F 67 4.47 -13.68 21.67
CA LEU F 67 3.25 -14.47 21.58
C LEU F 67 3.63 -15.94 21.55
N LYS F 68 3.01 -16.72 22.42
CA LYS F 68 3.32 -18.13 22.58
C LYS F 68 2.03 -18.91 22.77
N LYS F 69 1.96 -20.09 22.13
CA LYS F 69 0.83 -20.98 22.34
C LYS F 69 0.80 -21.49 23.79
N TYR F 70 -0.40 -21.59 24.34
CA TYR F 70 -0.60 -21.92 25.75
C TYR F 70 0.17 -23.17 26.14
N GLU F 71 0.86 -23.09 27.27
CA GLU F 71 1.52 -24.23 27.88
C GLU F 71 0.97 -24.40 29.28
N ASP F 72 0.59 -25.63 29.63
CA ASP F 72 -0.03 -25.95 30.91
C ASP F 72 1.04 -26.04 31.99
N THR F 73 1.67 -24.90 32.28
CA THR F 73 2.63 -24.79 33.38
C THR F 73 2.38 -23.50 34.15
N ASP F 74 2.84 -23.48 35.39
CA ASP F 74 2.74 -22.27 36.19
C ASP F 74 3.63 -21.15 35.63
N LEU F 75 4.79 -21.51 35.06
CA LEU F 75 5.70 -20.49 34.58
C LEU F 75 5.13 -19.79 33.36
N PHE F 76 4.43 -20.53 32.50
CA PHE F 76 3.76 -19.90 31.37
C PHE F 76 2.67 -18.94 31.85
N ARG F 77 1.80 -19.41 32.74
CA ARG F 77 0.66 -18.60 33.14
C ARG F 77 1.11 -17.33 33.83
N GLU F 78 2.13 -17.43 34.68
CA GLU F 78 2.61 -16.25 35.39
C GLU F 78 3.28 -15.27 34.42
N ASP F 79 4.01 -15.79 33.43
CA ASP F 79 4.62 -14.96 32.42
C ASP F 79 3.59 -14.26 31.53
N ALA F 80 2.36 -14.76 31.51
CA ALA F 80 1.29 -14.26 30.66
C ALA F 80 0.23 -13.50 31.43
N THR F 81 0.49 -13.20 32.70
CA THR F 81 -0.47 -12.52 33.58
C THR F 81 0.05 -11.13 33.90
N PHE F 82 -0.84 -10.13 33.83
CA PHE F 82 -0.44 -8.73 33.99
C PHE F 82 -1.53 -7.95 34.73
N ARG F 83 -1.12 -7.00 35.57
CA ARG F 83 -2.05 -6.24 36.39
C ARG F 83 -2.22 -4.86 35.79
N VAL F 84 -3.45 -4.49 35.49
CA VAL F 84 -3.72 -3.16 34.94
C VAL F 84 -3.63 -2.15 36.08
N VAL F 85 -2.80 -1.13 35.90
CA VAL F 85 -2.65 -0.08 36.91
C VAL F 85 -2.78 1.28 36.23
N PRO F 86 -2.91 2.39 36.97
CA PRO F 86 -2.92 3.71 36.33
C PRO F 86 -1.62 3.97 35.57
N GLY F 87 -1.73 4.70 34.48
CA GLY F 87 -0.60 4.89 33.60
C GLY F 87 0.51 5.66 34.28
N TRP F 88 1.75 5.19 34.08
CA TRP F 88 2.92 5.81 34.69
C TRP F 88 3.10 7.26 34.27
N ALA F 89 2.68 7.63 33.05
CA ALA F 89 2.85 9.01 32.59
C ALA F 89 1.57 9.82 32.60
N ASP F 90 0.44 9.20 32.93
CA ASP F 90 -0.87 9.84 32.84
C ASP F 90 -1.89 8.99 33.57
N GLU F 91 -2.43 9.51 34.69
CA GLU F 91 -3.42 8.81 35.49
C GLU F 91 -4.66 8.42 34.71
N ASN F 92 -4.92 9.08 33.58
CA ASN F 92 -6.09 8.79 32.78
C ASN F 92 -5.87 7.63 31.81
N MET F 93 -4.65 7.11 31.72
CA MET F 93 -4.32 6.00 30.85
C MET F 93 -3.85 4.83 31.72
N ILE F 94 -3.35 3.76 31.09
CA ILE F 94 -3.06 2.53 31.80
C ILE F 94 -1.63 2.07 31.56
N SER F 95 -1.10 1.32 32.52
CA SER F 95 0.16 0.60 32.42
C SER F 95 -0.07 -0.85 32.87
N PHE F 96 0.88 -1.73 32.52
CA PHE F 96 0.70 -3.18 32.70
C PHE F 96 1.84 -3.75 33.54
N GLN F 97 1.53 -4.13 34.77
CA GLN F 97 2.52 -4.63 35.72
C GLN F 97 2.64 -6.15 35.59
N SER F 98 3.88 -6.63 35.63
CA SER F 98 4.13 -8.07 35.55
C SER F 98 3.71 -8.75 36.85
N TYR F 99 3.12 -9.94 36.71
CA TYR F 99 2.63 -10.69 37.87
C TYR F 99 3.77 -11.32 38.66
N ASN F 100 4.78 -11.85 37.97
CA ASN F 100 5.88 -12.49 38.66
C ASN F 100 7.14 -11.63 38.71
N TYR F 101 7.10 -10.42 38.15
CA TYR F 101 8.18 -9.43 38.29
C TYR F 101 7.56 -8.08 38.58
N PRO F 102 7.09 -7.87 39.82
CA PRO F 102 6.26 -6.67 40.12
C PRO F 102 6.91 -5.33 39.83
N TYR F 103 8.23 -5.27 39.69
CA TYR F 103 8.89 -4.00 39.37
C TYR F 103 9.14 -3.84 37.87
N ARG F 104 8.49 -4.65 37.05
CA ARG F 104 8.65 -4.60 35.60
C ARG F 104 7.29 -4.36 34.95
N TYR F 105 7.25 -3.43 34.00
CA TYR F 105 6.03 -3.07 33.29
C TYR F 105 6.25 -3.22 31.79
N ILE F 106 5.18 -3.55 31.07
CA ILE F 106 5.24 -3.59 29.61
C ILE F 106 5.60 -2.19 29.11
N ARG F 107 6.67 -2.09 28.33
CA ARG F 107 7.08 -0.85 27.69
C ARG F 107 7.65 -1.16 26.32
N HIS F 108 7.72 -0.13 25.47
CA HIS F 108 8.40 -0.25 24.19
C HIS F 108 9.73 0.48 24.26
N ARG F 109 10.72 -0.08 23.57
CA ARG F 109 12.05 0.50 23.41
C ARG F 109 12.50 0.14 22.01
N ASP F 110 12.89 1.16 21.24
CA ASP F 110 13.05 1.10 19.78
C ASP F 110 11.93 0.26 19.16
N PHE F 111 10.70 0.53 19.57
CA PHE F 111 9.45 -0.02 19.05
C PHE F 111 9.25 -1.52 19.30
N GLU F 112 10.12 -2.17 20.08
CA GLU F 112 9.91 -3.55 20.52
C GLU F 112 9.46 -3.58 21.98
N LEU F 113 8.67 -4.60 22.33
CA LEU F 113 8.00 -4.59 23.63
C LEU F 113 8.79 -5.43 24.62
N TYR F 114 9.07 -4.85 25.78
CA TYR F 114 9.81 -5.50 26.85
C TYR F 114 9.04 -5.37 28.16
N ILE F 115 9.56 -6.05 29.16
CA ILE F 115 9.05 -6.00 30.52
C ILE F 115 10.22 -5.52 31.37
N GLU F 116 10.19 -4.24 31.75
CA GLU F 116 11.38 -3.55 32.24
C GLU F 116 11.02 -2.62 33.39
N ASN F 117 12.03 -2.21 34.14
CA ASN F 117 11.79 -1.31 35.28
C ASN F 117 11.66 0.12 34.78
N ILE F 118 10.80 0.88 35.45
CA ILE F 118 10.32 2.18 34.98
C ILE F 118 10.89 3.25 35.91
N LYS F 119 11.89 4.00 35.43
CA LYS F 119 12.65 4.94 36.28
C LYS F 119 12.67 6.37 35.78
N THR F 120 12.76 6.60 34.47
CA THR F 120 12.86 7.95 33.93
C THR F 120 11.50 8.45 33.40
N ASP F 121 11.50 9.65 32.82
CA ASP F 121 10.29 10.18 32.19
C ASP F 121 10.01 9.51 30.86
N LEU F 122 11.05 9.07 30.17
CA LEU F 122 10.86 8.35 28.91
C LEU F 122 10.37 6.92 29.18
N ASP F 123 10.90 6.27 30.21
CA ASP F 123 10.37 4.99 30.65
C ASP F 123 8.87 5.08 30.87
N ARG F 124 8.45 6.08 31.65
CA ARG F 124 7.04 6.18 32.02
C ARG F 124 6.17 6.33 30.77
N LYS F 125 6.54 7.25 29.87
CA LYS F 125 5.80 7.40 28.63
C LYS F 125 5.84 6.12 27.80
N ASP F 126 6.95 5.38 27.83
CA ASP F 126 7.07 4.12 27.10
C ASP F 126 6.19 3.03 27.67
N ALA F 127 5.75 3.19 28.91
CA ALA F 127 4.95 2.20 29.62
C ALA F 127 3.49 2.59 29.74
N THR F 128 3.08 3.67 29.08
CA THR F 128 1.73 4.20 29.23
C THR F 128 0.95 3.97 27.94
N PHE F 129 -0.21 3.32 28.06
CA PHE F 129 -1.01 2.95 26.91
C PHE F 129 -2.46 3.39 27.09
N ILE F 130 -3.18 3.40 25.97
CA ILE F 130 -4.60 3.75 25.89
C ILE F 130 -5.35 2.52 25.41
N GLY F 131 -6.28 2.02 26.22
CA GLY F 131 -7.05 0.85 25.83
C GLY F 131 -8.28 1.30 25.07
N ILE F 132 -8.53 0.66 23.93
CA ILE F 132 -9.65 1.00 23.05
C ILE F 132 -10.48 -0.25 22.79
N LYS F 133 -11.78 -0.14 22.93
CA LYS F 133 -12.66 -1.25 22.61
C LYS F 133 -12.86 -1.32 21.11
NA NA G . -4.32 11.69 2.94
S SO4 H . 1.79 30.95 30.30
O1 SO4 H . 3.09 30.94 30.98
O2 SO4 H . 0.98 29.79 30.73
O3 SO4 H . 1.01 32.17 30.57
O4 SO4 H . 2.11 30.83 28.87
S SO4 I . -14.98 -12.21 -19.18
O1 SO4 I . -13.88 -12.86 -19.96
O2 SO4 I . -15.40 -13.02 -17.99
O3 SO4 I . -14.57 -10.87 -18.72
O4 SO4 I . -16.09 -12.00 -20.13
S SO4 J . -20.04 -13.40 -27.29
O1 SO4 J . -19.16 -14.54 -27.59
O2 SO4 J . -21.17 -13.43 -28.23
O3 SO4 J . -20.50 -13.47 -25.91
O4 SO4 J . -19.31 -12.12 -27.42
S SO4 K . 23.84 -37.99 4.51
O1 SO4 K . 25.24 -38.46 4.65
O2 SO4 K . 22.95 -39.10 4.88
O3 SO4 K . 23.53 -36.93 5.52
O4 SO4 K . 23.62 -37.58 3.09
C1 GOL L . -4.55 45.10 -20.48
O1 GOL L . -3.23 45.19 -20.27
C2 GOL L . -4.91 46.34 -21.32
O2 GOL L . -5.84 46.02 -22.30
C3 GOL L . -5.33 47.42 -20.28
O3 GOL L . -6.69 47.74 -20.46
C1 GOL M . 5.34 43.72 -25.65
O1 GOL M . 4.36 42.75 -25.93
C2 GOL M . 5.31 44.04 -24.14
O2 GOL M . 6.55 44.43 -23.68
C3 GOL M . 4.26 45.16 -23.99
O3 GOL M . 4.59 45.87 -22.83
S SO4 N . 5.51 32.63 -7.91
O1 SO4 N . 6.20 31.36 -8.23
O2 SO4 N . 4.06 32.40 -7.65
O3 SO4 N . 6.12 33.26 -6.73
O4 SO4 N . 5.68 33.48 -9.11
C1 GOL O . 11.78 -13.76 31.93
O1 GOL O . 11.16 -12.97 30.98
C2 GOL O . 11.53 -15.22 31.45
O2 GOL O . 12.70 -15.80 30.96
C3 GOL O . 10.99 -15.99 32.65
O3 GOL O . 9.81 -15.40 33.07
C1 GOL P . 10.92 4.62 23.01
O1 GOL P . 10.15 5.73 23.29
C2 GOL P . 10.91 4.50 21.47
O2 GOL P . 10.51 3.20 21.04
C3 GOL P . 12.34 4.84 21.12
O3 GOL P . 13.10 3.76 21.57
#